data_9DLW
#
_entry.id   9DLW
#
_cell.length_a   80.225
_cell.length_b   83.882
_cell.length_c   131.483
_cell.angle_alpha   90.000
_cell.angle_beta   90.000
_cell.angle_gamma   90.000
#
_symmetry.space_group_name_H-M   'P 21 21 21'
#
loop_
_entity.id
_entity.type
_entity.pdbx_description
1 polymer 'DDB1- and CUL4-associated factor 1'
2 polymer 'WD repeat-containing protein 5'
3 non-polymer "N-{(1P)-5'-({(32E)-33-[(3P)-4-{[(1S)-3-amino-1-(3-chloro-4-fluorophenyl)-3-oxopropyl]carbamoyl}-3-(4-chloro-2-fluorophenyl)-1H-pyrrol-2-yl]-31-oxo-3,6,9,12,15,18,21,24,27-nonaoxa-30-azatritriacont-32-en-1-yl}carbamoyl)-2'-fluoro-4-[(3R,5S)-3,4,5-trimethylpiperazin-1-yl][1,1'-biphenyl]-3-yl}-6-oxo-4-(trifluoromethyl)-1,6-dihydropyridine-3-carboxamide"
4 water water
#
loop_
_entity_poly.entity_id
_entity_poly.type
_entity_poly.pdbx_seq_one_letter_code
_entity_poly.pdbx_strand_id
1 'polypeptide(L)'
;MGSSHHHHHHSSGRENLYFQGSSRASAFRPISVFREANEDESGFTCCAFSARERFLMLGTCTGQLKLYNVFSGQEEASYN
CHNSAITHLEPSRDGSLLLTSATWSQPLSALWGMKSVFDMKHSFTEDHYVEFSKHSQDRVIGTKGDIAHIYDIQTGNKLL
TLFNPDLANNYKRNCATFNPTDDLVLNDGVLWDVRSAQAIHKFDKFNMNISGVFHPNGLEVIINTEIWDLRTFHLLHTVP
ALDQCRVVFNHTGTVMYGAMLQADDEDDLMEERMKSPFGSSFRTFNATDYKPIATIDVKRNIFDLCTDTKDCYLAVIENQ
GSMDALNMDTVCRLYEVG
;
B
2 'polypeptide(L)'
;MHHHHHHSSGRENLYFQGTQSKPTPVKPNYALKFTLAGHTKAVSSVKFSPNGEWLASSSADKLIKIWGAYDGKFEKTISG
HKLGISDVAWSSDSNLLVSASDDKTLKIWDVSSGKCLKTLKGHSNYVFCCNFNPQSNLIVSGSFDESVRIWDVKTGKCLK
TLPAHSDPVSAVHFNRDGSLIVSSSYDGLCRIWDTASGQCLKTLIDDDNPPVSFVKFSPNGKYILAATLDNTLKLWDYSK
GKCLKTYTGHKNEKYCIFANFSVTGGKWIVSGSEDNLVYIWNLQTKEIVQKLQGHTDVVISTACHPTENIIASAALENDK
TIKLWKSDC
;
A
#
loop_
_chem_comp.id
_chem_comp.type
_chem_comp.name
_chem_comp.formula
A1BAF non-polymer N-{(1P)-5'-({(32E)-33-[(3P)-4-{[(1S)-3-amino-1-(3-chloro-4-fluorophenyl)-3-oxopropyl]carbamoyl}-3-(4-chloro-2-fluorophenyl)-1H-pyrrol-2-yl]-31-oxo-3,6,9,12,15,18,21,24,27-nonaoxa-30-azatritriacont-32-en-1-yl}carbamoyl)-2'-fluoro-4-[(3R,5S)-3,4,5-trimethylpiperazin-1-yl][1,1'-biphenyl]-3-yl}-6-oxo-4-(trifluoromethyl)-1,6-dihydropyridine-3-carboxamide 'C70 H83 Cl2 F6 N9 O15'
#
# COMPACT_ATOMS: atom_id res chain seq x y z
N PHE A 28 -34.73 -8.35 -3.53
CA PHE A 28 -33.40 -8.85 -3.85
C PHE A 28 -33.21 -10.31 -3.44
N ARG A 29 -33.63 -11.20 -4.33
CA ARG A 29 -33.54 -12.65 -4.10
C ARG A 29 -32.14 -13.14 -4.46
N PRO A 30 -31.44 -13.81 -3.54
CA PRO A 30 -30.13 -14.39 -3.88
C PRO A 30 -30.26 -15.38 -5.02
N ILE A 31 -29.37 -15.26 -6.00
CA ILE A 31 -29.38 -16.10 -7.19
C ILE A 31 -28.14 -16.98 -7.27
N SER A 32 -26.98 -16.44 -6.90
CA SER A 32 -25.73 -17.14 -7.06
C SER A 32 -24.72 -16.57 -6.07
N VAL A 33 -23.78 -17.42 -5.67
CA VAL A 33 -22.66 -16.98 -4.84
C VAL A 33 -21.42 -17.73 -5.31
N PHE A 34 -20.27 -17.07 -5.24
CA PHE A 34 -19.02 -17.76 -5.52
C PHE A 34 -17.86 -16.99 -4.91
N ARG A 35 -16.78 -17.71 -4.69
CA ARG A 35 -15.55 -17.14 -4.15
C ARG A 35 -14.46 -17.27 -5.21
N GLU A 36 -13.34 -16.60 -4.97
CA GLU A 36 -12.25 -16.61 -5.95
C GLU A 36 -11.62 -18.00 -6.03
N ALA A 37 -11.54 -18.53 -7.25
CA ALA A 37 -10.95 -19.84 -7.48
C ALA A 37 -9.45 -19.83 -7.21
N ASN A 38 -8.93 -20.99 -6.80
CA ASN A 38 -7.50 -21.18 -6.59
C ASN A 38 -7.04 -20.71 -5.21
N GLU A 39 -7.57 -19.57 -4.77
CA GLU A 39 -6.94 -18.79 -3.71
C GLU A 39 -7.43 -19.21 -2.34
N ASP A 40 -6.46 -19.40 -1.42
CA ASP A 40 -6.78 -19.71 -0.03
C ASP A 40 -7.74 -18.69 0.57
N GLU A 41 -7.41 -17.41 0.44
CA GLU A 41 -8.25 -16.31 0.91
C GLU A 41 -8.77 -15.58 -0.33
N SER A 42 -10.10 -15.51 -0.45
CA SER A 42 -10.73 -14.98 -1.66
C SER A 42 -10.53 -13.47 -1.70
N GLY A 43 -10.02 -12.97 -2.82
CA GLY A 43 -9.61 -11.57 -2.88
C GLY A 43 -10.33 -10.69 -3.89
N PHE A 44 -11.58 -11.01 -4.22
CA PHE A 44 -12.37 -10.10 -5.03
C PHE A 44 -12.46 -8.73 -4.33
N THR A 45 -12.22 -7.66 -5.08
CA THR A 45 -12.33 -6.30 -4.55
C THR A 45 -13.33 -5.41 -5.29
N CYS A 46 -13.72 -5.75 -6.51
CA CYS A 46 -14.58 -4.84 -7.26
C CYS A 46 -15.08 -5.58 -8.49
N CYS A 47 -16.20 -5.13 -9.03
CA CYS A 47 -16.83 -5.89 -10.09
C CYS A 47 -17.60 -4.99 -11.04
N ALA A 48 -17.79 -5.51 -12.25
CA ALA A 48 -18.65 -4.91 -13.26
C ALA A 48 -19.05 -6.00 -14.24
N PHE A 49 -20.30 -5.94 -14.71
CA PHE A 49 -20.75 -6.86 -15.75
C PHE A 49 -20.06 -6.56 -17.07
N SER A 50 -19.66 -7.60 -17.77
CA SER A 50 -19.05 -7.38 -19.07
C SER A 50 -20.13 -7.36 -20.15
N ALA A 51 -19.73 -6.99 -21.36
CA ALA A 51 -20.70 -6.94 -22.47
C ALA A 51 -21.29 -8.31 -22.77
N ARG A 52 -20.51 -9.37 -22.57
CA ARG A 52 -20.98 -10.75 -22.72
C ARG A 52 -21.66 -11.13 -21.40
N GLU A 53 -22.95 -10.83 -21.29
CA GLU A 53 -23.62 -11.06 -20.02
C GLU A 53 -23.56 -12.55 -19.66
N ARG A 54 -23.83 -12.83 -18.39
CA ARG A 54 -23.53 -14.11 -17.75
C ARG A 54 -22.12 -14.07 -17.18
N PHE A 55 -21.29 -13.16 -17.66
CA PHE A 55 -19.93 -13.03 -17.18
C PHE A 55 -19.73 -11.70 -16.48
N LEU A 56 -18.98 -11.75 -15.39
CA LEU A 56 -18.68 -10.62 -14.53
C LEU A 56 -17.17 -10.46 -14.47
N MET A 57 -16.70 -9.22 -14.58
CA MET A 57 -15.31 -8.87 -14.38
C MET A 57 -15.10 -8.49 -12.92
N LEU A 58 -14.04 -9.00 -12.31
CA LEU A 58 -13.71 -8.65 -10.93
C LEU A 58 -12.23 -8.31 -10.82
N GLY A 59 -11.92 -7.20 -10.13
CA GLY A 59 -10.58 -6.96 -9.69
C GLY A 59 -10.27 -7.74 -8.43
N THR A 60 -8.98 -7.93 -8.14
CA THR A 60 -8.57 -8.67 -6.96
C THR A 60 -7.52 -7.87 -6.18
N CYS A 61 -7.28 -8.31 -4.94
CA CYS A 61 -6.32 -7.63 -4.10
C CYS A 61 -4.88 -7.84 -4.55
N THR A 62 -4.64 -8.70 -5.56
CA THR A 62 -3.29 -8.86 -6.11
C THR A 62 -3.16 -8.20 -7.48
N GLY A 63 -4.05 -7.26 -7.81
CA GLY A 63 -3.94 -6.54 -9.06
C GLY A 63 -4.31 -7.34 -10.28
N GLN A 64 -5.07 -8.41 -10.10
CA GLN A 64 -5.54 -9.20 -11.23
C GLN A 64 -6.95 -8.76 -11.63
N LEU A 65 -7.21 -8.82 -12.92
CA LEU A 65 -8.56 -8.71 -13.47
C LEU A 65 -9.01 -10.12 -13.86
N LYS A 66 -10.16 -10.57 -13.34
CA LYS A 66 -10.65 -11.91 -13.63
C LYS A 66 -12.06 -11.88 -14.21
N LEU A 67 -12.35 -12.88 -15.05
CA LEU A 67 -13.67 -13.04 -15.66
C LEU A 67 -14.34 -14.29 -15.08
N TYR A 68 -15.57 -14.13 -14.63
CA TYR A 68 -16.30 -15.25 -14.04
C TYR A 68 -17.68 -15.38 -14.69
N ASN A 69 -18.10 -16.63 -14.85
CA ASN A 69 -19.50 -16.95 -15.07
C ASN A 69 -20.25 -16.70 -13.75
N VAL A 70 -21.18 -15.74 -13.76
CA VAL A 70 -21.83 -15.35 -12.50
C VAL A 70 -22.79 -16.41 -12.00
N PHE A 71 -23.28 -17.28 -12.88
CA PHE A 71 -24.21 -18.34 -12.50
C PHE A 71 -23.50 -19.59 -12.01
N SER A 72 -22.40 -19.99 -12.65
CA SER A 72 -21.71 -21.21 -12.20
C SER A 72 -20.63 -20.94 -11.16
N GLY A 73 -20.04 -19.74 -11.14
CA GLY A 73 -18.88 -19.50 -10.33
C GLY A 73 -17.57 -19.93 -10.96
N GLN A 74 -17.59 -20.19 -12.27
CA GLN A 74 -16.43 -20.70 -12.98
C GLN A 74 -15.55 -19.53 -13.41
N GLU A 75 -14.29 -19.55 -12.98
CA GLU A 75 -13.34 -18.56 -13.48
C GLU A 75 -13.05 -18.83 -14.95
N GLU A 76 -13.24 -17.82 -15.81
CA GLU A 76 -13.01 -17.94 -17.24
C GLU A 76 -11.66 -17.39 -17.68
N ALA A 77 -11.16 -16.32 -17.07
CA ALA A 77 -9.90 -15.74 -17.49
C ALA A 77 -9.32 -14.95 -16.33
N SER A 78 -8.01 -14.69 -16.40
CA SER A 78 -7.28 -13.91 -15.44
C SER A 78 -6.21 -13.10 -16.16
N TYR A 79 -6.10 -11.80 -15.84
CA TYR A 79 -5.12 -10.92 -16.46
C TYR A 79 -4.43 -10.10 -15.37
N ASN A 80 -3.13 -9.93 -15.53
CA ASN A 80 -2.32 -9.17 -14.59
C ASN A 80 -2.36 -7.71 -15.00
N CYS A 81 -3.07 -6.89 -14.24
CA CYS A 81 -3.22 -5.49 -14.59
C CYS A 81 -2.34 -4.56 -13.76
N HIS A 82 -2.20 -4.81 -12.46
CA HIS A 82 -1.47 -3.89 -11.59
C HIS A 82 -0.62 -4.66 -10.59
N ASN A 83 0.35 -3.94 -10.01
CA ASN A 83 1.20 -4.46 -8.95
C ASN A 83 0.68 -4.14 -7.56
N SER A 84 -0.59 -3.80 -7.44
CA SER A 84 -1.22 -3.64 -6.14
C SER A 84 -2.71 -3.86 -6.34
N ALA A 85 -3.43 -3.91 -5.23
CA ALA A 85 -4.85 -4.25 -5.25
C ALA A 85 -5.62 -3.34 -6.20
N ILE A 86 -6.50 -3.94 -7.02
CA ILE A 86 -7.42 -3.14 -7.80
CA ILE A 86 -7.44 -3.15 -7.80
C ILE A 86 -8.49 -2.56 -6.88
N THR A 87 -8.72 -1.25 -7.00
CA THR A 87 -9.71 -0.60 -6.15
C THR A 87 -11.05 -0.42 -6.84
N HIS A 88 -11.04 -0.24 -8.15
CA HIS A 88 -12.25 0.17 -8.84
C HIS A 88 -12.04 -0.07 -10.32
N LEU A 89 -13.13 -0.28 -11.05
CA LEU A 89 -13.02 -0.49 -12.50
C LEU A 89 -14.32 -0.11 -13.19
N GLU A 90 -14.24 0.10 -14.50
CA GLU A 90 -15.38 0.54 -15.30
C GLU A 90 -15.21 0.06 -16.73
N PRO A 91 -16.12 -0.76 -17.25
CA PRO A 91 -16.07 -1.11 -18.67
C PRO A 91 -16.75 -0.03 -19.50
N SER A 92 -16.33 0.10 -20.75
CA SER A 92 -17.05 0.99 -21.65
C SER A 92 -18.37 0.34 -22.04
N ARG A 93 -19.35 1.17 -22.39
CA ARG A 93 -20.66 0.63 -22.74
C ARG A 93 -20.58 -0.31 -23.93
N ASP A 94 -19.65 -0.10 -24.86
CA ASP A 94 -19.57 -0.94 -26.03
C ASP A 94 -18.67 -2.16 -25.85
N GLY A 95 -18.15 -2.37 -24.63
CA GLY A 95 -17.38 -3.56 -24.32
C GLY A 95 -16.00 -3.64 -24.93
N SER A 96 -15.50 -2.56 -25.55
CA SER A 96 -14.17 -2.61 -26.13
C SER A 96 -13.08 -2.11 -25.19
N LEU A 97 -13.43 -1.40 -24.10
CA LEU A 97 -12.42 -0.78 -23.25
C LEU A 97 -12.75 -0.99 -21.77
N LEU A 98 -11.70 -0.93 -20.97
CA LEU A 98 -11.83 -1.07 -19.52
C LEU A 98 -10.87 -0.12 -18.82
N LEU A 99 -11.36 0.55 -17.77
CA LEU A 99 -10.54 1.34 -16.88
C LEU A 99 -10.34 0.59 -15.57
N THR A 100 -9.09 0.60 -15.09
CA THR A 100 -8.77 0.04 -13.79
C THR A 100 -8.02 1.09 -12.98
N SER A 101 -8.22 1.04 -11.66
CA SER A 101 -7.42 1.81 -10.73
C SER A 101 -6.86 0.88 -9.67
N ALA A 102 -5.64 1.15 -9.23
CA ALA A 102 -4.96 0.29 -8.27
C ALA A 102 -4.85 1.04 -6.94
N THR A 103 -3.98 0.56 -6.06
CA THR A 103 -3.91 1.10 -4.70
C THR A 103 -2.74 2.06 -4.51
N TRP A 104 -1.51 1.59 -4.71
CA TRP A 104 -0.35 2.46 -4.55
C TRP A 104 0.66 2.40 -5.69
N SER A 105 0.61 1.38 -6.54
CA SER A 105 1.65 1.18 -7.55
C SER A 105 1.37 1.98 -8.82
N GLN A 106 2.44 2.45 -9.46
CA GLN A 106 2.19 3.14 -10.71
C GLN A 106 2.40 2.20 -11.89
N PRO A 107 1.64 2.40 -12.98
CA PRO A 107 0.63 3.46 -13.12
C PRO A 107 -0.55 3.20 -12.19
N LEU A 108 -1.11 4.24 -11.54
CA LEU A 108 -2.25 4.02 -10.65
C LEU A 108 -3.54 3.72 -11.42
N SER A 109 -3.68 4.20 -12.65
CA SER A 109 -4.84 3.79 -13.45
C SER A 109 -4.38 3.40 -14.85
N ALA A 110 -5.19 2.59 -15.52
CA ALA A 110 -4.85 2.15 -16.86
C ALA A 110 -6.12 1.97 -17.69
N LEU A 111 -5.93 1.98 -19.00
CA LEU A 111 -6.97 1.73 -19.99
C LEU A 111 -6.58 0.50 -20.80
N TRP A 112 -7.47 -0.49 -20.87
CA TRP A 112 -7.21 -1.78 -21.51
C TRP A 112 -8.15 -2.01 -22.69
N GLY A 113 -7.62 -2.59 -23.76
CA GLY A 113 -8.43 -3.02 -24.89
C GLY A 113 -8.95 -4.43 -24.66
N MET A 114 -10.24 -4.63 -24.95
CA MET A 114 -10.92 -5.90 -24.70
C MET A 114 -11.39 -6.56 -25.99
N LYS A 115 -10.89 -6.11 -27.13
CA LYS A 115 -11.24 -6.70 -28.41
C LYS A 115 -10.23 -7.78 -28.75
N SER A 116 -10.72 -8.99 -29.00
CA SER A 116 -9.84 -10.13 -29.25
C SER A 116 -8.84 -10.29 -28.11
N VAL A 117 -7.73 -9.57 -28.19
CA VAL A 117 -6.66 -9.67 -27.20
C VAL A 117 -6.81 -8.56 -26.17
N PHE A 118 -6.48 -8.88 -24.93
CA PHE A 118 -6.54 -7.97 -23.80
C PHE A 118 -5.14 -7.40 -23.59
N ASP A 119 -5.03 -6.08 -23.60
CA ASP A 119 -3.73 -5.47 -23.31
C ASP A 119 -3.94 -3.99 -23.04
N MET A 120 -2.86 -3.33 -22.60
CA MET A 120 -2.94 -1.94 -22.21
C MET A 120 -2.92 -1.05 -23.44
N LYS A 121 -3.85 -0.09 -23.49
CA LYS A 121 -3.79 0.95 -24.52
C LYS A 121 -3.06 2.18 -24.00
N HIS A 122 -3.42 2.62 -22.80
CA HIS A 122 -2.80 3.81 -22.20
C HIS A 122 -2.76 3.62 -20.68
N SER A 123 -1.95 4.45 -20.04
CA SER A 123 -1.82 4.42 -18.60
C SER A 123 -1.80 5.85 -18.08
N PHE A 124 -2.23 6.01 -16.83
CA PHE A 124 -2.36 7.33 -16.21
C PHE A 124 -1.64 7.19 -14.87
N THR A 125 -0.37 7.58 -14.84
CA THR A 125 0.48 7.03 -13.79
C THR A 125 0.10 7.54 -12.40
N GLU A 126 -0.39 8.77 -12.27
CA GLU A 126 -0.67 9.31 -10.94
C GLU A 126 -2.15 9.48 -10.61
N ASP A 127 -3.07 9.11 -11.50
CA ASP A 127 -4.50 9.24 -11.21
C ASP A 127 -4.98 8.02 -10.43
N HIS A 128 -5.37 8.23 -9.16
N HIS A 128 -5.40 8.22 -9.17
CA HIS A 128 -5.90 7.16 -8.31
CA HIS A 128 -5.89 7.10 -8.36
C HIS A 128 -7.29 6.70 -8.74
C HIS A 128 -7.35 6.75 -8.66
N TYR A 129 -8.01 7.50 -9.54
CA TYR A 129 -9.38 7.19 -9.92
C TYR A 129 -9.63 7.71 -11.34
N VAL A 130 -10.39 6.95 -12.12
CA VAL A 130 -10.71 7.33 -13.50
C VAL A 130 -12.13 6.89 -13.86
N GLU A 131 -12.79 7.69 -14.71
CA GLU A 131 -14.08 7.37 -15.29
C GLU A 131 -14.08 7.71 -16.77
N PHE A 132 -14.87 6.97 -17.53
CA PHE A 132 -15.16 7.39 -18.90
C PHE A 132 -16.03 8.64 -18.92
N SER A 133 -15.89 9.43 -19.98
CA SER A 133 -16.95 10.37 -20.29
C SER A 133 -18.24 9.58 -20.49
N LYS A 134 -19.37 10.29 -20.43
CA LYS A 134 -20.67 9.63 -20.29
C LYS A 134 -21.47 9.57 -21.58
N HIS A 135 -21.47 10.62 -22.39
CA HIS A 135 -22.29 10.57 -23.59
C HIS A 135 -21.58 9.80 -24.68
N SER A 136 -20.62 10.45 -25.32
CA SER A 136 -19.69 9.78 -26.21
C SER A 136 -18.47 9.43 -25.37
N GLN A 137 -18.24 8.14 -25.17
CA GLN A 137 -17.19 7.68 -24.27
C GLN A 137 -15.82 7.74 -24.97
N ASP A 138 -15.46 8.96 -25.38
CA ASP A 138 -14.23 9.21 -26.12
C ASP A 138 -13.15 9.84 -25.25
N ARG A 139 -13.41 10.04 -23.96
CA ARG A 139 -12.42 10.63 -23.07
C ARG A 139 -12.45 9.92 -21.73
N VAL A 140 -11.42 10.19 -20.93
CA VAL A 140 -11.23 9.65 -19.60
C VAL A 140 -10.97 10.82 -18.68
N ILE A 141 -11.57 10.81 -17.50
CA ILE A 141 -11.29 11.85 -16.51
C ILE A 141 -10.67 11.18 -15.29
N GLY A 142 -9.44 11.57 -14.96
CA GLY A 142 -8.73 11.02 -13.82
C GLY A 142 -8.68 12.01 -12.68
N THR A 143 -8.46 11.51 -11.47
CA THR A 143 -8.36 12.34 -10.28
C THR A 143 -7.04 12.07 -9.59
N LYS A 144 -6.30 13.13 -9.29
CA LYS A 144 -5.08 13.07 -8.48
C LYS A 144 -5.25 14.11 -7.37
N GLY A 145 -5.65 13.64 -6.19
CA GLY A 145 -5.90 14.53 -5.08
C GLY A 145 -6.99 15.50 -5.45
N ASP A 146 -6.66 16.79 -5.43
CA ASP A 146 -7.63 17.85 -5.68
C ASP A 146 -7.81 18.15 -7.17
N ILE A 147 -7.04 17.47 -8.03
CA ILE A 147 -6.84 17.88 -9.41
C ILE A 147 -7.49 16.88 -10.36
N ALA A 148 -8.17 17.40 -11.38
CA ALA A 148 -8.79 16.57 -12.40
C ALA A 148 -7.98 16.63 -13.68
N HIS A 149 -7.85 15.48 -14.35
CA HIS A 149 -7.21 15.41 -15.66
C HIS A 149 -8.20 14.82 -16.66
N ILE A 150 -8.27 15.42 -17.85
CA ILE A 150 -9.07 14.88 -18.94
C ILE A 150 -8.14 14.37 -20.01
N TYR A 151 -8.31 13.11 -20.42
CA TYR A 151 -7.48 12.48 -21.43
C TYR A 151 -8.30 12.06 -22.64
N ASP A 152 -7.67 12.09 -23.80
CA ASP A 152 -8.25 11.53 -25.02
C ASP A 152 -8.04 10.02 -25.05
N ILE A 153 -9.09 9.28 -25.41
CA ILE A 153 -8.98 7.83 -25.37
C ILE A 153 -8.04 7.32 -26.47
N GLN A 154 -8.04 7.97 -27.64
CA GLN A 154 -7.24 7.48 -28.75
C GLN A 154 -5.77 7.77 -28.52
N THR A 155 -5.40 9.05 -28.38
CA THR A 155 -4.00 9.41 -28.20
C THR A 155 -3.48 9.21 -26.78
N GLY A 156 -4.35 9.11 -25.78
CA GLY A 156 -3.89 9.15 -24.41
C GLY A 156 -3.39 10.50 -23.93
N ASN A 157 -3.33 11.50 -24.82
CA ASN A 157 -2.88 12.83 -24.43
C ASN A 157 -3.74 13.41 -23.32
N LYS A 158 -3.10 14.15 -22.43
CA LYS A 158 -3.81 14.99 -21.48
C LYS A 158 -4.37 16.20 -22.22
N LEU A 159 -5.70 16.29 -22.31
CA LEU A 159 -6.34 17.41 -22.98
C LEU A 159 -6.52 18.61 -22.06
N LEU A 160 -6.68 18.38 -20.77
CA LEU A 160 -7.03 19.47 -19.86
C LEU A 160 -6.60 19.10 -18.46
N THR A 161 -6.23 20.10 -17.69
CA THR A 161 -6.12 19.99 -16.25
C THR A 161 -7.08 21.00 -15.64
N LEU A 162 -7.90 20.55 -14.70
CA LEU A 162 -8.90 21.41 -14.04
C LEU A 162 -8.54 21.49 -12.57
N PHE A 163 -8.02 22.64 -12.15
CA PHE A 163 -7.68 22.86 -10.75
C PHE A 163 -7.60 24.35 -10.49
N ASN A 164 -8.23 24.80 -9.42
CA ASN A 164 -8.10 26.18 -8.98
C ASN A 164 -7.92 26.20 -7.47
N PRO A 165 -6.74 26.58 -6.98
CA PRO A 165 -6.47 26.45 -5.54
C PRO A 165 -7.30 27.40 -4.69
N ASP A 166 -7.78 28.51 -5.25
CA ASP A 166 -8.64 29.42 -4.52
C ASP A 166 -10.07 28.92 -4.39
N LEU A 167 -10.51 28.01 -5.26
CA LEU A 167 -11.85 27.43 -5.13
C LEU A 167 -11.86 26.04 -4.51
N ALA A 168 -10.70 25.38 -4.41
CA ALA A 168 -10.67 23.99 -3.96
C ALA A 168 -11.37 23.81 -2.62
N ASN A 169 -12.06 22.68 -2.46
CA ASN A 169 -12.58 22.29 -1.15
C ASN A 169 -11.68 21.29 -0.45
N ASN A 170 -10.74 20.66 -1.18
CA ASN A 170 -9.80 19.72 -0.61
C ASN A 170 -10.52 18.52 0.00
N TYR A 171 -11.53 18.02 -0.70
CA TYR A 171 -12.23 16.82 -0.23
C TYR A 171 -11.28 15.62 -0.19
N LYS A 172 -11.28 14.89 0.94
CA LYS A 172 -10.26 13.85 1.10
C LYS A 172 -10.46 12.70 0.13
N ARG A 173 -11.70 12.41 -0.29
CA ARG A 173 -11.96 11.36 -1.28
C ARG A 173 -12.54 11.97 -2.55
N ASN A 174 -11.95 13.09 -2.98
CA ASN A 174 -12.41 13.76 -4.17
C ASN A 174 -12.41 12.81 -5.36
N CYS A 175 -13.49 12.86 -6.15
CA CYS A 175 -13.59 12.11 -7.42
C CYS A 175 -14.19 13.02 -8.48
N ALA A 176 -13.37 13.38 -9.48
CA ALA A 176 -13.85 14.16 -10.61
C ALA A 176 -14.72 13.33 -11.54
N THR A 177 -15.71 13.97 -12.13
CA THR A 177 -16.71 13.23 -12.90
C THR A 177 -17.34 14.17 -13.94
N PHE A 178 -17.63 13.63 -15.11
CA PHE A 178 -18.36 14.33 -16.15
C PHE A 178 -19.86 14.32 -15.83
N ASN A 179 -20.58 15.30 -16.36
CA ASN A 179 -22.05 15.26 -16.39
C ASN A 179 -22.53 14.42 -17.57
N PRO A 180 -23.83 14.10 -17.63
CA PRO A 180 -24.30 13.16 -18.66
C PRO A 180 -23.98 13.56 -20.10
N THR A 181 -23.86 14.86 -20.40
CA THR A 181 -23.53 15.30 -21.75
C THR A 181 -22.06 15.70 -21.91
N ASP A 182 -21.24 15.56 -20.87
CA ASP A 182 -19.80 15.77 -20.94
C ASP A 182 -19.42 17.23 -21.15
N ASP A 183 -20.37 18.16 -21.10
CA ASP A 183 -20.00 19.56 -21.24
C ASP A 183 -19.58 20.18 -19.92
N LEU A 184 -19.89 19.55 -18.79
CA LEU A 184 -19.52 20.05 -17.47
C LEU A 184 -18.70 19.01 -16.72
N VAL A 185 -17.90 19.48 -15.77
CA VAL A 185 -17.19 18.59 -14.85
C VAL A 185 -17.43 19.07 -13.44
N LEU A 186 -17.65 18.12 -12.53
CA LEU A 186 -17.63 18.37 -11.09
C LEU A 186 -16.31 17.82 -10.54
N ASN A 187 -15.54 18.68 -9.87
CA ASN A 187 -14.26 18.28 -9.29
C ASN A 187 -14.05 19.02 -7.99
N ASP A 188 -13.90 18.28 -6.88
CA ASP A 188 -13.63 18.86 -5.57
C ASP A 188 -14.70 19.90 -5.21
N GLY A 189 -15.95 19.59 -5.54
CA GLY A 189 -17.05 20.48 -5.23
C GLY A 189 -17.11 21.74 -6.07
N VAL A 190 -16.41 21.78 -7.20
CA VAL A 190 -16.38 22.93 -8.08
C VAL A 190 -16.90 22.49 -9.45
N LEU A 191 -17.84 23.26 -10.00
CA LEU A 191 -18.44 22.96 -11.29
C LEU A 191 -17.66 23.67 -12.40
N TRP A 192 -17.19 22.90 -13.37
CA TRP A 192 -16.38 23.44 -14.45
C TRP A 192 -17.10 23.31 -15.78
N ASP A 193 -16.95 24.33 -16.62
CA ASP A 193 -17.37 24.25 -18.00
C ASP A 193 -16.19 23.76 -18.84
N VAL A 194 -16.37 22.63 -19.52
CA VAL A 194 -15.24 21.94 -20.13
C VAL A 194 -14.69 22.75 -21.31
N ARG A 195 -15.57 23.16 -22.23
CA ARG A 195 -15.12 23.81 -23.46
C ARG A 195 -14.30 25.06 -23.18
N SER A 196 -14.65 25.81 -22.14
CA SER A 196 -13.91 27.01 -21.76
C SER A 196 -12.87 26.75 -20.68
N ALA A 197 -12.81 25.53 -20.13
CA ALA A 197 -11.92 25.22 -19.01
C ALA A 197 -12.06 26.28 -17.92
N GLN A 198 -13.29 26.67 -17.64
CA GLN A 198 -13.59 27.72 -16.66
C GLN A 198 -14.46 27.18 -15.53
N ALA A 199 -14.11 27.55 -14.30
CA ALA A 199 -14.92 27.21 -13.15
C ALA A 199 -16.13 28.13 -13.12
N ILE A 200 -17.35 27.55 -13.09
CA ILE A 200 -18.54 28.37 -13.09
C ILE A 200 -19.24 28.49 -11.74
N HIS A 201 -18.97 27.58 -10.79
CA HIS A 201 -19.61 27.66 -9.48
C HIS A 201 -18.85 26.78 -8.49
N LYS A 202 -18.69 27.28 -7.27
CA LYS A 202 -18.11 26.50 -6.18
C LYS A 202 -19.18 26.18 -5.16
N PHE A 203 -19.44 24.90 -4.94
CA PHE A 203 -20.37 24.50 -3.91
C PHE A 203 -19.67 24.48 -2.56
N ASP A 204 -20.34 25.03 -1.55
CA ASP A 204 -19.75 25.13 -0.22
C ASP A 204 -19.50 23.75 0.36
N LYS A 205 -18.52 23.68 1.25
CA LYS A 205 -18.05 22.43 1.83
C LYS A 205 -18.81 22.14 3.12
N PHE A 206 -19.47 20.98 3.16
CA PHE A 206 -20.26 20.58 4.32
C PHE A 206 -19.90 19.20 4.84
N ASN A 207 -18.84 18.58 4.31
CA ASN A 207 -18.31 17.32 4.83
C ASN A 207 -16.83 17.27 4.45
N MET A 208 -16.14 16.25 4.96
CA MET A 208 -14.69 16.20 4.78
C MET A 208 -14.22 15.36 3.59
N ASN A 209 -15.05 14.45 3.08
CA ASN A 209 -14.58 13.42 2.15
C ASN A 209 -15.24 13.46 0.78
N ILE A 210 -16.57 13.55 0.72
CA ILE A 210 -17.33 13.29 -0.51
C ILE A 210 -17.46 14.57 -1.33
N SER A 211 -17.06 14.51 -2.61
CA SER A 211 -17.10 15.67 -3.49
C SER A 211 -18.32 15.73 -4.41
N GLY A 212 -19.04 14.65 -4.63
CA GLY A 212 -20.34 14.74 -5.27
C GLY A 212 -20.34 14.23 -6.71
N VAL A 213 -21.54 13.85 -7.17
CA VAL A 213 -21.78 13.36 -8.52
C VAL A 213 -22.94 14.12 -9.17
N PHE A 214 -23.01 14.03 -10.49
CA PHE A 214 -24.16 14.50 -11.23
C PHE A 214 -25.33 13.52 -11.14
N HIS A 215 -26.55 14.06 -11.00
CA HIS A 215 -27.73 13.24 -11.20
C HIS A 215 -27.86 12.90 -12.68
N PRO A 216 -28.34 11.70 -13.03
CA PRO A 216 -28.48 11.33 -14.44
C PRO A 216 -29.38 12.27 -15.25
N ASN A 217 -30.32 12.96 -14.62
CA ASN A 217 -31.19 13.86 -15.37
C ASN A 217 -30.47 15.11 -15.85
N GLY A 218 -29.22 15.34 -15.42
CA GLY A 218 -28.46 16.48 -15.86
C GLY A 218 -28.81 17.81 -15.24
N LEU A 219 -29.77 17.86 -14.31
CA LEU A 219 -30.25 19.15 -13.82
C LEU A 219 -30.01 19.38 -12.34
N GLU A 220 -29.31 18.46 -11.66
CA GLU A 220 -29.03 18.61 -10.24
C GLU A 220 -27.79 17.80 -9.89
N VAL A 221 -27.18 18.13 -8.76
CA VAL A 221 -25.98 17.45 -8.27
C VAL A 221 -26.20 16.96 -6.85
N ILE A 222 -25.58 15.83 -6.54
CA ILE A 222 -25.71 15.13 -5.27
C ILE A 222 -24.35 15.20 -4.61
N ILE A 223 -24.17 16.09 -3.64
CA ILE A 223 -22.89 16.28 -2.95
C ILE A 223 -23.13 15.89 -1.50
N ASN A 224 -22.83 14.64 -1.17
CA ASN A 224 -23.01 14.09 0.18
C ASN A 224 -24.48 14.21 0.51
N THR A 225 -24.87 14.89 1.59
CA THR A 225 -26.28 15.00 1.93
C THR A 225 -27.02 16.11 1.19
N GLU A 226 -26.33 16.99 0.45
CA GLU A 226 -26.95 18.15 -0.20
C GLU A 226 -27.29 17.82 -1.65
N ILE A 227 -28.53 18.11 -2.04
CA ILE A 227 -28.97 18.04 -3.44
C ILE A 227 -29.12 19.48 -3.92
N TRP A 228 -28.30 19.87 -4.89
CA TRP A 228 -28.32 21.24 -5.41
C TRP A 228 -28.93 21.27 -6.81
N ASP A 229 -29.75 22.29 -7.06
CA ASP A 229 -30.32 22.53 -8.38
C ASP A 229 -29.32 23.26 -9.26
N LEU A 230 -29.03 22.71 -10.44
CA LEU A 230 -28.16 23.43 -11.38
C LEU A 230 -28.86 24.56 -12.12
N ARG A 231 -30.20 24.61 -12.09
CA ARG A 231 -30.92 25.76 -12.64
C ARG A 231 -30.64 27.02 -11.82
N THR A 232 -30.55 26.88 -10.50
CA THR A 232 -30.52 28.00 -9.56
C THR A 232 -29.44 27.91 -8.49
N PHE A 233 -28.85 26.73 -8.26
CA PHE A 233 -28.00 26.48 -7.10
C PHE A 233 -28.76 26.58 -5.79
N HIS A 234 -30.09 26.51 -5.82
CA HIS A 234 -30.84 26.33 -4.59
C HIS A 234 -30.68 24.90 -4.08
N LEU A 235 -30.85 24.76 -2.77
CA LEU A 235 -30.84 23.46 -2.12
C LEU A 235 -32.20 22.79 -2.31
N LEU A 236 -32.23 21.70 -3.06
CA LEU A 236 -33.49 21.00 -3.31
C LEU A 236 -33.85 20.01 -2.21
N HIS A 237 -32.88 19.30 -1.66
CA HIS A 237 -33.18 18.28 -0.65
C HIS A 237 -32.03 18.16 0.32
N THR A 238 -32.36 17.84 1.57
CA THR A 238 -31.40 17.34 2.54
C THR A 238 -31.67 15.84 2.69
N VAL A 239 -30.68 15.01 2.39
CA VAL A 239 -30.90 13.57 2.49
C VAL A 239 -29.88 13.01 3.47
N PRO A 240 -30.19 12.97 4.77
CA PRO A 240 -29.15 12.58 5.74
C PRO A 240 -28.60 11.20 5.49
N ALA A 241 -29.40 10.29 4.94
CA ALA A 241 -28.94 8.92 4.72
C ALA A 241 -27.78 8.83 3.74
N LEU A 242 -27.53 9.86 2.93
CA LEU A 242 -26.48 9.79 1.93
C LEU A 242 -25.12 10.22 2.48
N ASP A 243 -25.01 10.47 3.79
CA ASP A 243 -23.74 10.92 4.32
C ASP A 243 -22.66 9.87 4.07
N GLN A 244 -21.53 10.32 3.52
CA GLN A 244 -20.37 9.47 3.23
C GLN A 244 -20.69 8.31 2.29
N CYS A 245 -21.73 8.49 1.46
CA CYS A 245 -22.14 7.43 0.54
C CYS A 245 -21.56 7.64 -0.85
N ARG A 246 -21.27 6.53 -1.51
CA ARG A 246 -21.16 6.46 -2.95
C ARG A 246 -22.51 6.00 -3.48
N VAL A 247 -22.82 6.37 -4.71
CA VAL A 247 -24.13 6.06 -5.28
C VAL A 247 -23.97 5.58 -6.71
N VAL A 248 -24.92 4.75 -7.13
CA VAL A 248 -25.06 4.35 -8.52
C VAL A 248 -26.54 4.24 -8.86
N PHE A 249 -26.87 4.51 -10.12
CA PHE A 249 -28.24 4.54 -10.61
C PHE A 249 -28.54 3.33 -11.49
N ASN A 250 -29.78 2.84 -11.43
CA ASN A 250 -30.22 1.90 -12.44
C ASN A 250 -30.26 2.63 -13.79
N HIS A 251 -30.30 1.84 -14.86
CA HIS A 251 -30.06 2.40 -16.19
C HIS A 251 -31.22 3.25 -16.68
N THR A 252 -32.41 3.11 -16.11
CA THR A 252 -33.47 4.06 -16.43
C THR A 252 -33.35 5.38 -15.68
N GLY A 253 -32.48 5.47 -14.69
CA GLY A 253 -32.37 6.66 -13.87
C GLY A 253 -33.52 6.87 -12.90
N THR A 254 -34.19 5.79 -12.49
CA THR A 254 -35.34 5.88 -11.58
C THR A 254 -35.06 5.41 -10.16
N VAL A 255 -33.92 4.77 -9.92
CA VAL A 255 -33.59 4.26 -8.61
C VAL A 255 -32.12 4.52 -8.35
N MET A 256 -31.80 4.91 -7.13
CA MET A 256 -30.43 5.17 -6.73
C MET A 256 -30.05 4.20 -5.63
N TYR A 257 -28.89 3.56 -5.77
CA TYR A 257 -28.27 2.75 -4.73
C TYR A 257 -27.22 3.58 -4.01
N GLY A 258 -27.16 3.43 -2.69
CA GLY A 258 -26.14 4.11 -1.94
C GLY A 258 -25.58 3.24 -0.82
N ALA A 259 -24.27 3.28 -0.61
CA ALA A 259 -23.64 2.58 0.50
C ALA A 259 -22.63 3.51 1.16
N MET A 260 -22.58 3.45 2.50
CA MET A 260 -21.80 4.38 3.30
C MET A 260 -20.37 3.89 3.46
N LEU A 261 -19.41 4.74 3.13
CA LEU A 261 -18.01 4.40 3.37
C LEU A 261 -17.79 4.11 4.85
N GLN A 262 -16.88 3.16 5.13
CA GLN A 262 -16.34 3.01 6.48
C GLN A 262 -15.15 3.96 6.64
N ALA A 263 -15.10 4.64 7.78
CA ALA A 263 -14.34 5.88 7.86
C ALA A 263 -13.24 5.91 8.92
N ASP A 264 -13.59 6.42 10.10
CA ASP A 264 -12.62 6.88 11.09
C ASP A 264 -11.46 7.59 10.41
N ASP A 265 -11.60 8.89 10.17
CA ASP A 265 -10.47 9.66 9.64
C ASP A 265 -9.27 9.56 10.57
N GLU A 266 -9.51 9.44 11.88
CA GLU A 266 -8.45 9.25 12.87
C GLU A 266 -7.78 7.88 12.75
N ASP A 267 -8.18 7.07 11.78
CA ASP A 267 -7.45 5.85 11.46
C ASP A 267 -6.12 6.20 10.81
N ASP A 268 -5.08 5.46 11.19
CA ASP A 268 -3.79 5.58 10.53
C ASP A 268 -3.78 4.67 9.30
N LEU A 269 -2.64 4.58 8.64
CA LEU A 269 -2.52 3.79 7.42
C LEU A 269 -2.88 2.34 7.67
N MET A 270 -2.32 1.75 8.73
CA MET A 270 -2.61 0.35 9.04
C MET A 270 -4.09 0.14 9.31
N GLU A 271 -4.69 1.03 10.10
CA GLU A 271 -6.11 0.88 10.44
C GLU A 271 -7.00 1.04 9.22
N GLU A 272 -6.58 1.81 8.22
CA GLU A 272 -7.37 1.92 7.00
C GLU A 272 -7.45 0.58 6.27
N ARG A 273 -6.32 -0.14 6.19
CA ARG A 273 -6.30 -1.44 5.51
C ARG A 273 -7.15 -2.48 6.23
N MET A 274 -7.35 -2.32 7.54
CA MET A 274 -8.20 -3.22 8.31
C MET A 274 -9.66 -3.18 7.88
N LYS A 275 -10.05 -2.21 7.08
CA LYS A 275 -11.46 -1.97 6.78
C LYS A 275 -11.79 -2.29 5.34
N SER A 276 -13.02 -2.74 5.13
CA SER A 276 -13.61 -2.79 3.82
C SER A 276 -13.99 -1.39 3.37
N PRO A 277 -14.16 -1.18 2.06
CA PRO A 277 -14.53 0.18 1.61
C PRO A 277 -15.85 0.65 2.22
N PHE A 278 -16.85 -0.22 2.29
CA PHE A 278 -18.20 0.16 2.70
C PHE A 278 -18.62 -0.58 3.97
N GLY A 279 -19.71 -0.10 4.57
CA GLY A 279 -20.36 -0.81 5.66
C GLY A 279 -21.08 -2.04 5.14
N SER A 280 -22.04 -2.57 5.89
CA SER A 280 -22.67 -3.84 5.55
C SER A 280 -24.07 -3.68 4.95
N SER A 281 -24.55 -2.46 4.77
CA SER A 281 -25.85 -2.25 4.16
C SER A 281 -25.74 -1.26 3.01
N PHE A 282 -26.68 -1.36 2.09
CA PHE A 282 -26.91 -0.32 1.10
C PHE A 282 -28.38 0.02 1.10
N ARG A 283 -28.70 1.21 0.59
CA ARG A 283 -30.07 1.67 0.52
C ARG A 283 -30.42 1.98 -0.92
N THR A 284 -31.69 1.79 -1.26
CA THR A 284 -32.22 2.28 -2.51
C THR A 284 -33.14 3.46 -2.25
N PHE A 285 -33.18 4.37 -3.19
CA PHE A 285 -33.99 5.57 -3.09
C PHE A 285 -34.68 5.81 -4.41
N ASN A 286 -35.85 6.41 -4.35
CA ASN A 286 -36.46 6.91 -5.56
C ASN A 286 -35.60 8.04 -6.12
N ALA A 287 -35.23 7.92 -7.40
CA ALA A 287 -34.30 8.88 -7.99
C ALA A 287 -34.91 10.26 -8.22
N THR A 288 -36.24 10.40 -8.22
CA THR A 288 -36.80 11.73 -8.48
C THR A 288 -36.97 12.56 -7.21
N ASP A 289 -37.29 11.95 -6.08
CA ASP A 289 -37.53 12.72 -4.87
C ASP A 289 -36.70 12.24 -3.69
N TYR A 290 -35.85 11.24 -3.86
CA TYR A 290 -34.94 10.72 -2.85
C TYR A 290 -35.63 10.07 -1.66
N LYS A 291 -36.92 9.77 -1.79
CA LYS A 291 -37.59 9.01 -0.74
C LYS A 291 -36.99 7.61 -0.66
N PRO A 292 -36.88 7.04 0.54
CA PRO A 292 -36.29 5.71 0.68
C PRO A 292 -37.20 4.63 0.13
N ILE A 293 -36.58 3.62 -0.49
CA ILE A 293 -37.33 2.46 -0.95
C ILE A 293 -36.99 1.29 -0.04
N ALA A 294 -35.76 0.77 -0.12
CA ALA A 294 -35.37 -0.40 0.65
C ALA A 294 -34.07 -0.14 1.39
N THR A 295 -33.92 -0.82 2.53
CA THR A 295 -32.67 -0.88 3.28
C THR A 295 -32.26 -2.33 3.38
N ILE A 296 -31.14 -2.69 2.76
CA ILE A 296 -30.69 -4.07 2.64
C ILE A 296 -29.40 -4.23 3.41
N ASP A 297 -29.42 -5.09 4.43
CA ASP A 297 -28.23 -5.41 5.20
C ASP A 297 -27.85 -6.86 4.92
N VAL A 298 -26.73 -7.06 4.23
CA VAL A 298 -26.26 -8.40 3.88
C VAL A 298 -25.43 -8.97 5.02
N LYS A 299 -25.36 -8.26 6.14
CA LYS A 299 -24.67 -8.65 7.37
C LYS A 299 -23.18 -8.86 7.20
N ARG A 300 -22.63 -8.47 6.04
CA ARG A 300 -21.20 -8.53 5.76
C ARG A 300 -20.80 -7.21 5.11
N ASN A 301 -19.57 -6.77 5.35
CA ASN A 301 -19.13 -5.49 4.80
C ASN A 301 -18.95 -5.58 3.29
N ILE A 302 -19.25 -4.46 2.60
CA ILE A 302 -19.37 -4.43 1.15
C ILE A 302 -18.12 -3.81 0.53
N PHE A 303 -17.62 -4.44 -0.54
CA PHE A 303 -16.51 -3.92 -1.32
C PHE A 303 -16.94 -3.21 -2.59
N ASP A 304 -18.02 -3.66 -3.24
CA ASP A 304 -18.47 -3.08 -4.49
C ASP A 304 -19.86 -3.63 -4.80
N LEU A 305 -20.54 -2.97 -5.73
CA LEU A 305 -21.78 -3.49 -6.27
C LEU A 305 -22.04 -2.86 -7.63
N CYS A 306 -22.79 -3.58 -8.46
CA CYS A 306 -23.08 -3.13 -9.82
C CYS A 306 -24.37 -3.79 -10.26
N THR A 307 -24.94 -3.26 -11.34
CA THR A 307 -26.08 -3.85 -12.01
C THR A 307 -25.75 -4.10 -13.46
N ASP A 308 -26.53 -4.96 -14.09
CA ASP A 308 -26.39 -5.18 -15.53
C ASP A 308 -27.18 -4.10 -16.28
N THR A 309 -26.98 -4.03 -17.59
CA THR A 309 -27.58 -2.95 -18.36
C THR A 309 -29.10 -3.00 -18.30
N LYS A 310 -29.68 -4.18 -18.10
CA LYS A 310 -31.13 -4.30 -18.02
C LYS A 310 -31.65 -4.21 -16.60
N ASP A 311 -30.76 -4.07 -15.62
CA ASP A 311 -31.19 -3.95 -14.22
C ASP A 311 -32.03 -5.14 -13.79
N CYS A 312 -31.67 -6.33 -14.29
CA CYS A 312 -32.22 -7.57 -13.78
C CYS A 312 -31.45 -8.11 -12.60
N TYR A 313 -30.15 -7.82 -12.51
CA TYR A 313 -29.26 -8.43 -11.53
C TYR A 313 -28.44 -7.37 -10.82
N LEU A 314 -28.17 -7.64 -9.56
CA LEU A 314 -27.23 -6.88 -8.76
C LEU A 314 -26.11 -7.81 -8.32
N ALA A 315 -24.86 -7.40 -8.56
CA ALA A 315 -23.71 -8.14 -8.06
C ALA A 315 -23.08 -7.35 -6.93
N VAL A 316 -22.74 -8.04 -5.83
CA VAL A 316 -22.23 -7.41 -4.63
C VAL A 316 -21.02 -8.22 -4.15
N ILE A 317 -19.91 -7.54 -3.93
CA ILE A 317 -18.74 -8.17 -3.32
C ILE A 317 -18.89 -8.02 -1.81
N GLU A 318 -19.03 -9.15 -1.12
CA GLU A 318 -19.28 -9.20 0.32
C GLU A 318 -18.13 -9.92 1.02
N ASN A 319 -17.66 -9.32 2.10
CA ASN A 319 -16.58 -9.88 2.88
C ASN A 319 -17.19 -10.78 3.95
N GLN A 320 -16.81 -12.06 3.97
CA GLN A 320 -17.23 -12.89 5.09
C GLN A 320 -16.19 -12.94 6.22
N GLY A 321 -15.01 -12.35 6.01
CA GLY A 321 -13.97 -12.28 7.03
C GLY A 321 -14.48 -11.93 8.43
N SER A 322 -13.96 -12.65 9.43
CA SER A 322 -14.43 -12.48 10.79
C SER A 322 -13.99 -11.14 11.40
N MET A 323 -12.85 -10.61 10.98
CA MET A 323 -12.36 -9.31 11.42
C MET A 323 -12.31 -8.30 10.28
N ASP A 324 -13.33 -8.32 9.42
CA ASP A 324 -13.48 -7.39 8.30
C ASP A 324 -12.32 -7.62 7.32
N ALA A 325 -11.76 -6.57 6.71
CA ALA A 325 -10.68 -6.67 5.75
C ALA A 325 -9.33 -7.03 6.38
N LEU A 326 -9.27 -7.18 7.71
CA LEU A 326 -8.05 -7.70 8.33
C LEU A 326 -7.69 -9.04 7.70
N ASN A 327 -8.57 -10.04 7.87
CA ASN A 327 -8.48 -11.32 7.16
C ASN A 327 -9.51 -11.35 6.04
N MET A 328 -9.20 -10.60 4.99
CA MET A 328 -10.13 -10.42 3.89
C MET A 328 -10.49 -11.77 3.25
N ASP A 329 -11.79 -12.01 3.07
CA ASP A 329 -12.27 -13.25 2.45
C ASP A 329 -13.63 -12.95 1.82
N THR A 330 -13.60 -12.52 0.56
CA THR A 330 -14.78 -11.98 -0.09
C THR A 330 -15.42 -13.02 -1.00
N VAL A 331 -16.73 -12.92 -1.13
CA VAL A 331 -17.49 -13.65 -2.13
C VAL A 331 -18.26 -12.63 -2.94
N CYS A 332 -18.63 -13.03 -4.15
CA CYS A 332 -19.56 -12.29 -4.98
C CYS A 332 -20.93 -12.94 -4.87
N ARG A 333 -21.93 -12.13 -4.57
CA ARG A 333 -23.32 -12.57 -4.55
C ARG A 333 -24.07 -11.89 -5.68
N LEU A 334 -24.86 -12.68 -6.39
CA LEU A 334 -25.73 -12.19 -7.46
C LEU A 334 -27.15 -12.20 -6.92
N TYR A 335 -27.81 -11.05 -6.99
CA TYR A 335 -29.18 -10.90 -6.53
C TYR A 335 -30.07 -10.56 -7.71
N GLU A 336 -31.30 -11.05 -7.64
CA GLU A 336 -32.31 -10.69 -8.62
C GLU A 336 -32.95 -9.38 -8.21
N VAL A 337 -32.94 -8.40 -9.11
CA VAL A 337 -33.56 -7.11 -8.82
C VAL A 337 -35.06 -7.25 -9.07
N GLY A 338 -35.83 -7.26 -7.99
CA GLY A 338 -37.28 -7.19 -8.08
C GLY A 338 -37.72 -5.75 -7.93
N VAL B 26 26.71 -29.27 12.19
CA VAL B 26 26.43 -28.44 13.34
C VAL B 26 25.21 -27.56 13.08
N LYS B 27 24.22 -27.63 13.98
CA LYS B 27 23.07 -26.74 13.94
C LYS B 27 22.97 -25.95 15.23
N PRO B 28 22.43 -24.73 15.18
CA PRO B 28 22.19 -23.99 16.42
C PRO B 28 21.01 -24.58 17.18
N ASN B 29 20.83 -24.11 18.40
CA ASN B 29 19.69 -24.55 19.21
C ASN B 29 19.06 -23.35 19.88
N TYR B 30 18.78 -22.30 19.11
CA TYR B 30 18.11 -21.13 19.70
C TYR B 30 16.83 -21.56 20.41
N ALA B 31 16.65 -21.04 21.63
CA ALA B 31 15.45 -21.28 22.41
C ALA B 31 14.95 -19.96 22.99
N LEU B 32 13.64 -19.90 23.20
CA LEU B 32 13.00 -18.67 23.61
C LEU B 32 13.37 -18.34 25.06
N LYS B 33 13.85 -17.12 25.29
CA LYS B 33 14.23 -16.68 26.62
C LYS B 33 13.30 -15.61 27.19
N PHE B 34 12.91 -14.63 26.38
CA PHE B 34 11.99 -13.59 26.81
C PHE B 34 11.09 -13.18 25.66
N THR B 35 9.90 -12.71 26.01
CA THR B 35 8.96 -12.09 25.10
C THR B 35 8.68 -10.69 25.62
N LEU B 36 8.94 -9.68 24.79
CA LEU B 36 8.86 -8.27 25.16
C LEU B 36 7.54 -7.70 24.65
N ALA B 37 6.63 -7.40 25.57
CA ALA B 37 5.38 -6.77 25.22
C ALA B 37 5.41 -5.32 25.68
N GLY B 38 4.67 -4.47 24.97
CA GLY B 38 4.72 -3.06 25.27
C GLY B 38 4.29 -2.16 24.13
N HIS B 39 4.73 -2.45 22.90
CA HIS B 39 4.21 -1.72 21.75
C HIS B 39 2.72 -2.02 21.58
N THR B 40 1.96 -1.02 21.16
CA THR B 40 0.51 -1.21 20.97
C THR B 40 0.11 -1.39 19.51
N LYS B 41 1.07 -1.43 18.60
CA LYS B 41 0.84 -1.74 17.20
C LYS B 41 2.00 -2.59 16.70
N ALA B 42 1.96 -2.96 15.42
CA ALA B 42 2.99 -3.81 14.85
C ALA B 42 4.38 -3.24 15.17
N VAL B 43 5.33 -4.14 15.43
CA VAL B 43 6.73 -3.77 15.64
C VAL B 43 7.44 -3.89 14.32
N SER B 44 8.11 -2.83 13.89
CA SER B 44 8.67 -2.82 12.55
C SER B 44 10.15 -3.18 12.50
N SER B 45 10.93 -2.90 13.54
CA SER B 45 12.36 -3.13 13.46
CA SER B 45 12.36 -3.14 13.47
C SER B 45 12.94 -3.29 14.88
N VAL B 46 13.84 -4.24 15.03
CA VAL B 46 14.60 -4.40 16.26
C VAL B 46 16.09 -4.38 15.91
N LYS B 47 16.88 -3.67 16.72
CA LYS B 47 18.31 -3.47 16.46
C LYS B 47 19.09 -3.55 17.75
N PHE B 48 20.10 -4.43 17.80
CA PHE B 48 21.02 -4.43 18.93
C PHE B 48 21.99 -3.26 18.83
N SER B 49 22.22 -2.59 19.96
CA SER B 49 23.24 -1.57 19.97
C SER B 49 24.60 -2.24 19.71
N PRO B 50 25.53 -1.53 19.09
CA PRO B 50 26.84 -2.15 18.78
C PRO B 50 27.64 -2.57 20.02
N ASN B 51 27.45 -1.90 21.16
CA ASN B 51 28.12 -2.31 22.40
C ASN B 51 27.44 -3.51 23.07
N GLY B 52 26.35 -4.01 22.50
CA GLY B 52 25.75 -5.25 22.98
C GLY B 52 24.80 -5.11 24.13
N GLU B 53 24.67 -3.91 24.70
CA GLU B 53 23.92 -3.74 25.95
C GLU B 53 22.42 -3.63 25.73
N TRP B 54 21.98 -3.10 24.58
CA TRP B 54 20.58 -2.70 24.41
C TRP B 54 19.99 -3.26 23.12
N LEU B 55 18.67 -3.43 23.16
CA LEU B 55 17.83 -3.61 21.98
C LEU B 55 16.95 -2.36 21.80
N ALA B 56 16.93 -1.82 20.59
CA ALA B 56 16.00 -0.76 20.25
C ALA B 56 14.91 -1.33 19.34
N SER B 57 13.67 -0.91 19.57
CA SER B 57 12.58 -1.33 18.70
C SER B 57 11.78 -0.12 18.25
N SER B 58 11.35 -0.13 16.99
CA SER B 58 10.47 0.88 16.43
C SER B 58 9.13 0.25 16.11
N SER B 59 8.10 1.08 16.00
CA SER B 59 6.75 0.53 15.91
C SER B 59 5.83 1.45 15.11
N ALA B 60 4.81 0.85 14.51
CA ALA B 60 3.69 1.62 13.97
C ALA B 60 3.00 2.44 15.03
N ASP B 61 3.25 2.18 16.31
CA ASP B 61 2.64 3.01 17.34
C ASP B 61 3.39 4.33 17.53
N LYS B 62 4.33 4.66 16.64
CA LYS B 62 5.05 5.92 16.63
C LYS B 62 6.15 5.98 17.69
N LEU B 63 6.40 4.88 18.40
CA LEU B 63 7.32 4.89 19.53
C LEU B 63 8.58 4.07 19.23
N ILE B 64 9.68 4.50 19.85
CA ILE B 64 10.90 3.71 19.95
C ILE B 64 11.01 3.27 21.39
N LYS B 65 11.26 1.99 21.62
CA LYS B 65 11.49 1.51 22.98
C LYS B 65 12.87 0.87 23.09
N ILE B 66 13.50 1.05 24.25
CA ILE B 66 14.82 0.52 24.53
C ILE B 66 14.66 -0.57 25.58
N TRP B 67 15.32 -1.70 25.36
CA TRP B 67 15.23 -2.85 26.26
C TRP B 67 16.63 -3.34 26.58
N GLY B 68 16.76 -4.00 27.73
CA GLY B 68 18.01 -4.65 28.08
C GLY B 68 18.26 -5.85 27.19
N ALA B 69 19.45 -5.94 26.60
CA ALA B 69 19.66 -6.95 25.57
C ALA B 69 19.80 -8.35 26.16
N TYR B 70 20.12 -8.47 27.44
CA TYR B 70 20.34 -9.75 28.10
C TYR B 70 19.18 -10.18 28.99
N ASP B 71 18.52 -9.23 29.65
CA ASP B 71 17.40 -9.54 30.52
C ASP B 71 16.04 -9.21 29.91
N GLY B 72 16.01 -8.54 28.76
CA GLY B 72 14.74 -8.20 28.12
C GLY B 72 13.89 -7.18 28.85
N LYS B 73 14.45 -6.50 29.85
CA LYS B 73 13.69 -5.59 30.69
C LYS B 73 13.54 -4.23 30.02
N PHE B 74 12.29 -3.74 29.96
CA PHE B 74 12.03 -2.40 29.40
C PHE B 74 12.90 -1.33 30.06
N GLU B 75 13.48 -0.46 29.24
CA GLU B 75 14.31 0.64 29.72
C GLU B 75 13.64 2.00 29.58
N LYS B 76 13.11 2.32 28.40
CA LYS B 76 12.55 3.64 28.19
C LYS B 76 11.85 3.71 26.84
N THR B 77 10.98 4.70 26.72
CA THR B 77 10.27 5.00 25.50
C THR B 77 10.78 6.33 24.94
N ILE B 78 10.97 6.38 23.62
CA ILE B 78 11.39 7.58 22.92
C ILE B 78 10.31 7.96 21.92
N SER B 79 9.89 9.22 21.97
CA SER B 79 8.69 9.65 21.25
C SER B 79 8.94 10.98 20.56
N GLY B 80 8.17 11.21 19.50
CA GLY B 80 8.26 12.47 18.77
C GLY B 80 7.78 12.37 17.33
N HIS B 81 7.86 11.20 16.70
CA HIS B 81 7.33 11.08 15.35
C HIS B 81 5.81 11.26 15.37
N LYS B 82 5.26 11.71 14.24
CA LYS B 82 3.83 11.98 14.17
C LYS B 82 3.04 10.81 13.63
N LEU B 83 3.70 9.84 13.00
CA LEU B 83 3.04 8.66 12.45
C LEU B 83 3.96 7.47 12.68
N GLY B 84 3.57 6.32 12.14
CA GLY B 84 4.27 5.08 12.33
C GLY B 84 5.75 5.17 11.99
N ILE B 85 6.55 4.36 12.67
CA ILE B 85 7.98 4.28 12.43
C ILE B 85 8.28 2.98 11.73
N SER B 86 9.04 3.06 10.65
CA SER B 86 9.36 1.94 9.79
C SER B 86 10.69 1.28 10.12
N ASP B 87 11.65 2.02 10.69
CA ASP B 87 12.98 1.50 10.89
C ASP B 87 13.73 2.39 11.89
N VAL B 88 14.74 1.80 12.53
CA VAL B 88 15.57 2.53 13.47
C VAL B 88 16.98 1.94 13.37
N ALA B 89 17.99 2.76 13.71
CA ALA B 89 19.38 2.33 13.55
C ALA B 89 20.28 3.05 14.56
N TRP B 90 21.33 2.36 15.00
CA TRP B 90 22.25 2.85 16.02
C TRP B 90 23.48 3.50 15.38
N SER B 91 24.01 4.53 16.04
CA SER B 91 25.34 5.01 15.67
C SER B 91 26.41 4.05 16.22
N SER B 92 27.60 4.15 15.62
CA SER B 92 28.63 3.15 15.91
C SER B 92 28.99 3.11 17.39
N ASP B 93 28.88 4.25 18.08
CA ASP B 93 29.27 4.32 19.48
C ASP B 93 28.09 4.09 20.42
N SER B 94 26.94 3.65 19.91
CA SER B 94 25.79 3.28 20.72
C SER B 94 25.13 4.45 21.43
N ASN B 95 25.50 5.69 21.10
CA ASN B 95 24.90 6.81 21.83
C ASN B 95 23.75 7.50 21.10
N LEU B 96 23.61 7.29 19.79
CA LEU B 96 22.56 7.92 19.00
C LEU B 96 21.69 6.86 18.33
N LEU B 97 20.47 7.28 17.98
CA LEU B 97 19.59 6.52 17.10
C LEU B 97 19.15 7.42 15.96
N VAL B 98 18.83 6.79 14.82
CA VAL B 98 18.09 7.44 13.76
C VAL B 98 16.85 6.60 13.48
N SER B 99 15.73 7.26 13.26
CA SER B 99 14.48 6.60 12.90
C SER B 99 13.96 7.16 11.59
N ALA B 100 13.26 6.32 10.84
CA ALA B 100 12.63 6.71 9.58
C ALA B 100 11.12 6.52 9.73
N SER B 101 10.34 7.54 9.36
CA SER B 101 8.93 7.54 9.71
C SER B 101 8.05 7.74 8.49
N ASP B 102 6.82 7.21 8.60
CA ASP B 102 5.76 7.51 7.66
C ASP B 102 5.40 8.99 7.63
N ASP B 103 5.79 9.75 8.66
CA ASP B 103 5.57 11.18 8.64
C ASP B 103 6.54 11.90 7.69
N LYS B 104 7.34 11.19 6.91
CA LYS B 104 8.18 11.71 5.83
C LYS B 104 9.49 12.30 6.34
N THR B 105 9.78 12.15 7.62
CA THR B 105 11.04 12.62 8.16
C THR B 105 11.81 11.46 8.77
N LEU B 106 13.09 11.70 9.01
CA LEU B 106 13.87 10.92 9.95
C LEU B 106 14.18 11.79 11.16
N LYS B 107 14.44 11.15 12.29
CA LYS B 107 14.84 11.87 13.50
C LYS B 107 16.11 11.25 14.05
N ILE B 108 17.00 12.13 14.52
CA ILE B 108 18.22 11.73 15.21
C ILE B 108 17.98 11.95 16.69
N TRP B 109 18.26 10.93 17.48
CA TRP B 109 17.97 10.91 18.91
C TRP B 109 19.24 10.70 19.71
N ASP B 110 19.37 11.42 20.82
CA ASP B 110 20.36 11.09 21.83
C ASP B 110 19.74 10.06 22.76
N VAL B 111 20.33 8.87 22.83
CA VAL B 111 19.70 7.78 23.56
C VAL B 111 19.60 8.09 25.05
N SER B 112 20.66 8.64 25.64
CA SER B 112 20.68 8.88 27.09
C SER B 112 19.54 9.80 27.52
N SER B 113 19.43 10.96 26.87
CA SER B 113 18.40 11.94 27.23
C SER B 113 17.04 11.61 26.64
N GLY B 114 16.98 10.83 25.56
CA GLY B 114 15.72 10.63 24.85
C GLY B 114 15.27 11.79 23.98
N LYS B 115 16.08 12.84 23.82
CA LYS B 115 15.66 14.01 23.07
C LYS B 115 15.97 13.90 21.58
N CYS B 116 15.14 14.58 20.79
CA CYS B 116 15.33 14.70 19.34
C CYS B 116 16.34 15.80 19.06
N LEU B 117 17.50 15.42 18.51
CA LEU B 117 18.56 16.36 18.20
C LEU B 117 18.32 17.04 16.86
N LYS B 118 17.81 16.29 15.88
CA LYS B 118 17.61 16.80 14.54
C LYS B 118 16.41 16.08 13.92
N THR B 119 15.66 16.81 13.11
CA THR B 119 14.65 16.22 12.23
C THR B 119 15.11 16.44 10.81
N LEU B 120 15.22 15.36 10.04
CA LEU B 120 15.68 15.44 8.66
C LEU B 120 14.47 15.53 7.74
N LYS B 121 14.34 16.65 7.05
CA LYS B 121 13.18 16.91 6.22
C LYS B 121 13.63 17.06 4.78
N GLY B 122 12.90 16.43 3.87
CA GLY B 122 13.24 16.47 2.45
C GLY B 122 12.53 15.43 1.62
N HIS B 123 12.37 14.21 2.17
CA HIS B 123 11.60 13.21 1.46
C HIS B 123 10.17 13.69 1.27
N SER B 124 9.59 13.35 0.12
CA SER B 124 8.26 13.79 -0.20
C SER B 124 7.21 12.75 0.12
N ASN B 125 7.61 11.63 0.71
CA ASN B 125 6.67 10.60 1.16
C ASN B 125 7.38 9.73 2.20
N TYR B 126 6.74 8.62 2.57
CA TYR B 126 7.17 7.85 3.74
C TYR B 126 8.63 7.41 3.63
N VAL B 127 9.33 7.49 4.75
CA VAL B 127 10.70 7.00 4.87
C VAL B 127 10.66 5.59 5.44
N PHE B 128 11.23 4.62 4.72
CA PHE B 128 11.17 3.22 5.13
C PHE B 128 12.45 2.70 5.75
N CYS B 129 13.61 3.28 5.45
CA CYS B 129 14.86 2.65 5.84
C CYS B 129 15.90 3.71 6.15
N CYS B 130 16.79 3.41 7.09
CA CYS B 130 17.79 4.39 7.54
C CYS B 130 18.99 3.65 8.12
N ASN B 131 20.14 4.33 8.11
CA ASN B 131 21.36 3.81 8.70
C ASN B 131 22.40 4.92 8.85
N PHE B 132 23.19 4.86 9.92
CA PHE B 132 24.42 5.65 10.00
C PHE B 132 25.51 4.98 9.17
N ASN B 133 26.51 5.74 8.77
CA ASN B 133 27.72 5.09 8.26
C ASN B 133 28.62 4.75 9.44
N PRO B 134 29.64 3.90 9.20
CA PRO B 134 30.62 3.60 10.27
C PRO B 134 31.18 4.82 10.98
N GLN B 135 31.55 5.85 10.22
CA GLN B 135 32.08 7.07 10.82
C GLN B 135 31.03 7.79 11.65
N SER B 136 29.75 7.57 11.36
CA SER B 136 28.63 8.14 12.09
C SER B 136 28.48 9.64 11.86
N ASN B 137 29.05 10.19 10.80
CA ASN B 137 28.80 11.58 10.43
C ASN B 137 27.75 11.70 9.33
N LEU B 138 27.35 10.60 8.72
CA LEU B 138 26.33 10.58 7.69
C LEU B 138 25.20 9.64 8.06
N ILE B 139 24.02 9.96 7.58
CA ILE B 139 22.87 9.07 7.57
C ILE B 139 22.43 8.87 6.13
N VAL B 140 22.00 7.65 5.79
CA VAL B 140 21.41 7.33 4.50
C VAL B 140 19.98 6.87 4.75
N SER B 141 19.08 7.25 3.84
CA SER B 141 17.65 7.02 4.02
C SER B 141 17.05 6.62 2.69
N GLY B 142 16.00 5.81 2.74
CA GLY B 142 15.29 5.38 1.55
C GLY B 142 13.79 5.51 1.74
N SER B 143 13.09 5.80 0.65
CA SER B 143 11.73 6.32 0.76
C SER B 143 10.83 5.75 -0.34
N PHE B 144 9.54 5.76 -0.02
CA PHE B 144 8.50 5.49 -1.02
C PHE B 144 8.64 6.42 -2.21
N ASP B 145 9.21 7.63 -2.00
CA ASP B 145 9.38 8.59 -3.10
C ASP B 145 10.49 8.20 -4.06
N GLU B 146 11.06 7.01 -3.89
CA GLU B 146 11.93 6.35 -4.87
C GLU B 146 13.34 6.96 -4.86
N SER B 147 13.64 7.89 -3.96
CA SER B 147 14.98 8.45 -3.85
C SER B 147 15.73 7.82 -2.67
N VAL B 148 17.04 7.96 -2.70
CA VAL B 148 17.92 7.74 -1.56
C VAL B 148 18.54 9.10 -1.22
N ARG B 149 18.59 9.44 0.06
CA ARG B 149 19.16 10.70 0.52
C ARG B 149 20.28 10.46 1.51
N ILE B 150 21.31 11.32 1.46
CA ILE B 150 22.46 11.27 2.35
C ILE B 150 22.48 12.55 3.17
N TRP B 151 22.55 12.42 4.49
CA TRP B 151 22.34 13.54 5.41
C TRP B 151 23.56 13.78 6.27
N ASP B 152 23.79 15.06 6.60
CA ASP B 152 24.84 15.42 7.55
C ASP B 152 24.30 15.26 8.97
N VAL B 153 24.92 14.35 9.74
CA VAL B 153 24.43 14.04 11.08
C VAL B 153 24.43 15.28 11.96
N LYS B 154 25.47 16.10 11.88
CA LYS B 154 25.63 17.22 12.79
C LYS B 154 24.87 18.48 12.36
N THR B 155 24.65 18.68 11.06
CA THR B 155 23.83 19.81 10.63
C THR B 155 22.37 19.44 10.48
N GLY B 156 22.07 18.15 10.36
CA GLY B 156 20.72 17.73 10.07
C GLY B 156 20.26 18.09 8.68
N LYS B 157 21.19 18.41 7.80
CA LYS B 157 20.86 18.87 6.46
C LYS B 157 21.12 17.77 5.45
N CYS B 158 20.37 17.81 4.34
CA CYS B 158 20.54 16.82 3.29
C CYS B 158 21.74 17.21 2.42
N LEU B 159 22.69 16.29 2.31
CA LEU B 159 23.87 16.53 1.47
C LEU B 159 23.61 16.15 0.03
N LYS B 160 22.98 15.00 -0.22
CA LYS B 160 22.74 14.55 -1.58
C LYS B 160 21.41 13.85 -1.67
N THR B 161 20.75 14.01 -2.82
CA THR B 161 19.53 13.29 -3.15
C THR B 161 19.81 12.41 -4.37
N LEU B 162 19.72 11.08 -4.18
CA LEU B 162 20.03 10.19 -5.30
C LEU B 162 18.75 9.77 -6.01
N PRO B 163 18.66 9.90 -7.33
CA PRO B 163 17.46 9.46 -8.05
C PRO B 163 17.54 7.94 -8.29
N ALA B 164 17.47 7.21 -7.19
CA ALA B 164 18.11 5.90 -7.13
C ALA B 164 17.34 4.85 -7.91
N HIS B 165 16.02 4.97 -8.00
CA HIS B 165 15.17 3.88 -8.40
C HIS B 165 13.90 4.42 -9.04
N SER B 166 13.19 3.56 -9.76
CA SER B 166 11.91 3.92 -10.37
C SER B 166 10.71 3.36 -9.61
N ASP B 167 10.90 2.98 -8.34
CA ASP B 167 9.85 2.45 -7.49
C ASP B 167 10.31 2.60 -6.05
N PRO B 168 9.44 2.34 -5.07
CA PRO B 168 9.81 2.59 -3.66
C PRO B 168 11.09 1.86 -3.27
N VAL B 169 11.87 2.53 -2.40
CA VAL B 169 13.12 1.99 -1.88
C VAL B 169 12.85 1.28 -0.55
N SER B 170 13.26 0.02 -0.46
CA SER B 170 12.98 -0.81 0.71
C SER B 170 14.13 -0.90 1.71
N ALA B 171 15.37 -0.69 1.29
CA ALA B 171 16.48 -0.81 2.24
C ALA B 171 17.67 -0.01 1.72
N VAL B 172 18.49 0.46 2.68
CA VAL B 172 19.73 1.18 2.39
C VAL B 172 20.73 0.79 3.47
N HIS B 173 22.00 0.66 3.08
CA HIS B 173 23.00 0.15 4.02
C HIS B 173 24.38 0.60 3.56
N PHE B 174 25.20 1.03 4.52
CA PHE B 174 26.61 1.35 4.25
C PHE B 174 27.46 0.09 4.37
N ASN B 175 28.57 0.07 3.61
CA ASN B 175 29.51 -1.03 3.74
C ASN B 175 30.48 -0.72 4.89
N ARG B 176 31.44 -1.62 5.12
CA ARG B 176 32.16 -1.59 6.39
C ARG B 176 33.14 -0.42 6.51
N ASP B 177 33.63 0.12 5.39
CA ASP B 177 34.43 1.35 5.45
C ASP B 177 33.66 2.58 5.02
N GLY B 178 32.34 2.46 4.81
CA GLY B 178 31.50 3.61 4.55
C GLY B 178 31.64 4.20 3.17
N SER B 179 32.46 3.61 2.30
CA SER B 179 32.65 4.17 0.97
C SER B 179 31.53 3.80 0.01
N LEU B 180 30.70 2.81 0.35
CA LEU B 180 29.64 2.37 -0.54
C LEU B 180 28.31 2.31 0.21
N ILE B 181 27.25 2.56 -0.53
CA ILE B 181 25.87 2.38 -0.10
C ILE B 181 25.23 1.39 -1.05
N VAL B 182 24.47 0.45 -0.51
CA VAL B 182 23.66 -0.45 -1.30
C VAL B 182 22.20 -0.10 -1.07
N SER B 183 21.40 -0.11 -2.13
CA SER B 183 19.96 0.16 -2.03
C SER B 183 19.19 -0.92 -2.76
N SER B 184 17.94 -1.16 -2.30
CA SER B 184 17.08 -2.16 -2.90
C SER B 184 15.70 -1.55 -3.13
N SER B 185 15.03 -2.00 -4.19
CA SER B 185 13.81 -1.31 -4.58
C SER B 185 12.79 -2.28 -5.16
N TYR B 186 11.51 -1.90 -5.02
CA TYR B 186 10.42 -2.56 -5.72
C TYR B 186 10.58 -2.55 -7.23
N ASP B 187 11.50 -1.74 -7.79
CA ASP B 187 11.77 -1.82 -9.22
C ASP B 187 12.55 -3.08 -9.62
N GLY B 188 12.83 -3.98 -8.68
CA GLY B 188 13.54 -5.20 -8.98
C GLY B 188 15.06 -5.11 -8.95
N LEU B 189 15.62 -3.95 -8.64
CA LEU B 189 17.05 -3.74 -8.73
C LEU B 189 17.66 -3.57 -7.35
N CYS B 190 18.88 -4.05 -7.19
N CYS B 190 18.91 -3.97 -7.22
CA CYS B 190 19.79 -3.57 -6.18
CA CYS B 190 19.79 -3.57 -6.13
C CYS B 190 20.78 -2.64 -6.85
C CYS B 190 20.94 -2.76 -6.72
N ARG B 191 21.18 -1.58 -6.16
CA ARG B 191 22.15 -0.64 -6.72
C ARG B 191 23.18 -0.29 -5.65
N ILE B 192 24.44 -0.10 -6.09
CA ILE B 192 25.56 0.33 -5.25
C ILE B 192 25.91 1.76 -5.63
N TRP B 193 26.21 2.58 -4.61
CA TRP B 193 26.46 4.00 -4.80
C TRP B 193 27.78 4.40 -4.14
N ASP B 194 28.51 5.32 -4.78
CA ASP B 194 29.69 5.91 -4.17
C ASP B 194 29.26 6.98 -3.17
N THR B 195 29.55 6.74 -1.89
CA THR B 195 29.13 7.68 -0.85
C THR B 195 29.50 9.12 -1.20
N ALA B 196 30.74 9.33 -1.61
CA ALA B 196 31.26 10.69 -1.74
C ALA B 196 30.70 11.39 -2.96
N SER B 197 30.66 10.71 -4.11
CA SER B 197 30.19 11.35 -5.33
C SER B 197 28.69 11.19 -5.55
N GLY B 198 28.10 10.12 -5.00
CA GLY B 198 26.72 9.81 -5.30
C GLY B 198 26.54 9.10 -6.62
N GLN B 199 27.63 8.76 -7.29
CA GLN B 199 27.51 8.06 -8.56
C GLN B 199 27.07 6.61 -8.33
N CYS B 200 26.20 6.12 -9.19
CA CYS B 200 25.84 4.71 -9.16
C CYS B 200 26.99 3.87 -9.71
N LEU B 201 27.41 2.86 -8.94
CA LEU B 201 28.56 2.05 -9.29
C LEU B 201 28.21 0.63 -9.73
N LYS B 202 26.98 0.19 -9.53
CA LYS B 202 26.63 -1.18 -9.90
C LYS B 202 25.12 -1.29 -9.89
N THR B 203 24.57 -2.06 -10.84
CA THR B 203 23.16 -2.42 -10.83
C THR B 203 23.10 -3.94 -10.93
N LEU B 204 22.59 -4.58 -9.89
CA LEU B 204 22.53 -6.04 -9.82
C LEU B 204 21.14 -6.50 -10.23
N ILE B 205 21.08 -7.42 -11.17
CA ILE B 205 19.83 -8.06 -11.57
C ILE B 205 20.18 -9.44 -12.10
N ASP B 206 19.32 -10.41 -11.83
CA ASP B 206 19.54 -11.80 -12.19
C ASP B 206 18.68 -12.16 -13.40
N ASP B 207 18.09 -13.37 -13.39
CA ASP B 207 17.25 -13.84 -14.48
C ASP B 207 15.86 -13.21 -14.49
N ASP B 208 15.50 -12.48 -13.43
CA ASP B 208 14.18 -11.86 -13.30
C ASP B 208 14.36 -10.64 -12.41
N ASN B 209 13.28 -9.88 -12.21
CA ASN B 209 13.33 -8.70 -11.34
C ASN B 209 12.04 -8.54 -10.53
N PRO B 210 11.70 -9.52 -9.70
CA PRO B 210 10.65 -9.30 -8.68
C PRO B 210 11.11 -8.27 -7.67
N PRO B 211 10.18 -7.59 -7.00
CA PRO B 211 10.59 -6.54 -6.04
C PRO B 211 11.71 -7.02 -5.14
N VAL B 212 12.72 -6.17 -4.96
CA VAL B 212 13.78 -6.45 -3.99
C VAL B 212 13.37 -5.80 -2.67
N SER B 213 13.01 -6.63 -1.69
CA SER B 213 12.40 -6.20 -0.45
C SER B 213 13.40 -5.94 0.67
N PHE B 214 14.66 -6.35 0.48
CA PHE B 214 15.66 -6.11 1.50
C PHE B 214 17.05 -6.34 0.93
N VAL B 215 18.03 -5.57 1.42
CA VAL B 215 19.42 -5.82 1.07
C VAL B 215 20.33 -5.26 2.16
N LYS B 216 21.48 -5.92 2.35
CA LYS B 216 22.54 -5.36 3.16
C LYS B 216 23.88 -5.95 2.71
N PHE B 217 24.96 -5.24 3.06
CA PHE B 217 26.31 -5.76 2.88
C PHE B 217 26.63 -6.84 3.91
N SER B 218 27.46 -7.80 3.50
CA SER B 218 28.04 -8.73 4.46
C SER B 218 29.04 -8.02 5.37
N PRO B 219 29.29 -8.57 6.56
CA PRO B 219 30.21 -7.91 7.50
C PRO B 219 31.61 -7.69 6.94
N ASN B 220 32.07 -8.53 6.01
CA ASN B 220 33.38 -8.32 5.41
C ASN B 220 33.34 -7.34 4.24
N GLY B 221 32.15 -6.91 3.81
CA GLY B 221 32.02 -5.98 2.72
C GLY B 221 32.10 -6.59 1.34
N LYS B 222 32.42 -7.88 1.23
CA LYS B 222 32.59 -8.51 -0.07
C LYS B 222 31.26 -8.90 -0.72
N TYR B 223 30.22 -9.16 0.07
CA TYR B 223 28.97 -9.66 -0.49
C TYR B 223 27.81 -8.73 -0.18
N ILE B 224 26.72 -9.01 -0.90
CA ILE B 224 25.42 -8.40 -0.73
C ILE B 224 24.43 -9.54 -0.46
N LEU B 225 23.58 -9.37 0.56
CA LEU B 225 22.49 -10.30 0.85
C LEU B 225 21.18 -9.62 0.49
N ALA B 226 20.41 -10.23 -0.41
CA ALA B 226 19.22 -9.58 -0.93
C ALA B 226 18.01 -10.50 -0.87
N ALA B 227 16.89 -9.96 -0.42
CA ALA B 227 15.62 -10.67 -0.44
C ALA B 227 14.74 -10.19 -1.60
N THR B 228 14.08 -11.12 -2.26
CA THR B 228 13.08 -10.74 -3.24
C THR B 228 11.73 -11.34 -2.89
N LEU B 229 10.66 -10.68 -3.31
CA LEU B 229 9.30 -11.10 -2.98
C LEU B 229 8.85 -12.31 -3.80
N ASP B 230 9.76 -13.25 -4.08
CA ASP B 230 9.44 -14.56 -4.62
C ASP B 230 9.91 -15.64 -3.66
N ASN B 231 9.85 -15.34 -2.35
CA ASN B 231 10.24 -16.31 -1.33
C ASN B 231 11.71 -16.69 -1.44
N THR B 232 12.58 -15.72 -1.70
CA THR B 232 13.96 -16.06 -2.02
C THR B 232 14.96 -15.05 -1.48
N LEU B 233 16.03 -15.56 -0.87
CA LEU B 233 17.19 -14.77 -0.48
CA LEU B 233 17.20 -14.77 -0.48
C LEU B 233 18.39 -15.18 -1.31
N LYS B 234 19.23 -14.21 -1.65
CA LYS B 234 20.39 -14.46 -2.49
C LYS B 234 21.60 -13.71 -1.95
N LEU B 235 22.75 -14.39 -1.98
CA LEU B 235 24.02 -13.80 -1.62
C LEU B 235 24.79 -13.49 -2.90
N TRP B 236 25.07 -12.21 -3.13
CA TRP B 236 25.72 -11.75 -4.35
C TRP B 236 27.16 -11.37 -4.05
N ASP B 237 28.06 -11.72 -4.97
CA ASP B 237 29.33 -11.02 -5.09
C ASP B 237 29.06 -9.82 -5.99
N TYR B 238 28.89 -8.64 -5.37
CA TYR B 238 28.46 -7.48 -6.14
C TYR B 238 29.56 -6.99 -7.09
N SER B 239 30.83 -7.08 -6.67
CA SER B 239 31.93 -6.76 -7.59
C SER B 239 31.84 -7.59 -8.87
N LYS B 240 31.68 -8.90 -8.73
CA LYS B 240 31.63 -9.76 -9.91
C LYS B 240 30.27 -9.77 -10.56
N GLY B 241 29.25 -9.21 -9.91
CA GLY B 241 27.88 -9.30 -10.41
C GLY B 241 27.32 -10.71 -10.41
N LYS B 242 27.70 -11.55 -9.46
CA LYS B 242 27.35 -12.97 -9.46
C LYS B 242 26.55 -13.35 -8.21
N CYS B 243 25.45 -14.07 -8.42
CA CYS B 243 24.72 -14.71 -7.34
C CYS B 243 25.44 -15.99 -6.95
N LEU B 244 25.79 -16.14 -5.67
CA LEU B 244 26.59 -17.24 -5.16
C LEU B 244 25.84 -18.25 -4.32
N LYS B 245 24.80 -17.82 -3.60
CA LYS B 245 24.00 -18.69 -2.75
C LYS B 245 22.56 -18.25 -2.87
N THR B 246 21.65 -19.22 -2.87
CA THR B 246 20.22 -18.99 -2.79
C THR B 246 19.67 -19.71 -1.56
N TYR B 247 18.81 -19.03 -0.81
CA TYR B 247 18.21 -19.59 0.40
C TYR B 247 16.70 -19.56 0.24
N THR B 248 16.06 -20.73 0.37
CA THR B 248 14.62 -20.82 0.20
C THR B 248 14.06 -21.74 1.26
N GLY B 249 12.74 -21.91 1.23
CA GLY B 249 12.02 -22.69 2.22
C GLY B 249 11.03 -21.87 3.02
N HIS B 250 11.20 -20.54 3.08
CA HIS B 250 10.33 -19.66 3.84
C HIS B 250 9.30 -18.99 2.92
N LYS B 251 8.47 -18.14 3.51
CA LYS B 251 7.37 -17.47 2.82
C LYS B 251 7.63 -15.96 2.84
N ASN B 252 7.81 -15.36 1.67
CA ASN B 252 8.05 -13.92 1.63
C ASN B 252 7.58 -13.40 0.27
N GLU B 253 6.33 -12.95 0.22
CA GLU B 253 5.75 -12.41 -1.00
C GLU B 253 5.06 -11.07 -0.79
N LYS B 254 5.01 -10.56 0.41
CA LYS B 254 4.29 -9.32 0.57
C LYS B 254 5.07 -8.29 1.38
N TYR B 255 5.70 -8.70 2.48
CA TYR B 255 6.30 -7.77 3.43
C TYR B 255 7.80 -7.64 3.20
N CYS B 256 8.35 -6.51 3.64
CA CYS B 256 9.77 -6.28 3.51
C CYS B 256 10.43 -6.78 4.79
N ILE B 257 10.79 -8.05 4.76
CA ILE B 257 11.39 -8.72 5.91
C ILE B 257 12.89 -8.47 5.96
N PHE B 258 13.37 -8.01 7.10
CA PHE B 258 14.80 -7.83 7.36
C PHE B 258 15.51 -9.19 7.43
N ALA B 259 16.80 -9.21 7.17
CA ALA B 259 17.59 -10.44 7.26
C ALA B 259 19.00 -10.10 7.73
N ASN B 260 19.76 -11.14 8.12
CA ASN B 260 21.01 -10.89 8.81
C ASN B 260 22.03 -11.99 8.53
N PHE B 261 23.31 -11.62 8.69
CA PHE B 261 24.40 -12.56 8.84
C PHE B 261 24.59 -12.79 10.34
N SER B 262 24.48 -14.04 10.77
CA SER B 262 24.80 -14.41 12.14
C SER B 262 26.26 -14.88 12.18
N VAL B 263 27.10 -14.18 12.94
CA VAL B 263 28.53 -14.44 12.85
C VAL B 263 29.20 -14.66 14.20
N THR B 264 28.43 -14.77 15.29
CA THR B 264 29.07 -14.97 16.59
C THR B 264 29.41 -16.42 16.89
N GLY B 265 28.70 -17.36 16.28
CA GLY B 265 28.95 -18.78 16.48
C GLY B 265 29.07 -19.47 15.14
N GLY B 266 28.15 -20.38 14.83
CA GLY B 266 28.04 -20.86 13.46
C GLY B 266 27.71 -19.74 12.50
N LYS B 267 28.09 -19.94 11.23
CA LYS B 267 27.86 -18.95 10.18
C LYS B 267 26.47 -19.17 9.59
N TRP B 268 25.50 -18.34 9.98
CA TRP B 268 24.15 -18.53 9.50
C TRP B 268 23.68 -17.36 8.66
N ILE B 269 22.58 -17.59 7.95
CA ILE B 269 21.69 -16.55 7.46
C ILE B 269 20.39 -16.62 8.27
N VAL B 270 19.89 -15.46 8.69
CA VAL B 270 18.71 -15.37 9.54
C VAL B 270 17.67 -14.48 8.88
N SER B 271 16.41 -14.92 8.89
CA SER B 271 15.35 -14.09 8.35
C SER B 271 14.01 -14.50 8.94
N GLY B 272 13.12 -13.51 9.06
CA GLY B 272 11.73 -13.77 9.36
C GLY B 272 11.00 -14.31 8.15
N SER B 273 9.70 -14.48 8.31
CA SER B 273 8.92 -15.24 7.35
C SER B 273 7.45 -14.95 7.56
N GLU B 274 6.68 -15.07 6.47
CA GLU B 274 5.26 -14.76 6.53
C GLU B 274 4.42 -15.93 7.05
N ASP B 275 5.06 -17.06 7.40
CA ASP B 275 4.43 -18.11 8.17
C ASP B 275 4.73 -17.98 9.66
N ASN B 276 5.23 -16.81 10.09
CA ASN B 276 5.39 -16.46 11.51
C ASN B 276 6.57 -17.16 12.18
N LEU B 277 7.49 -17.71 11.39
CA LEU B 277 8.66 -18.39 11.90
C LEU B 277 9.91 -17.55 11.65
N VAL B 278 10.90 -17.70 12.50
CA VAL B 278 12.25 -17.28 12.17
C VAL B 278 12.96 -18.46 11.52
N TYR B 279 13.57 -18.22 10.35
CA TYR B 279 14.33 -19.24 9.62
C TYR B 279 15.82 -19.00 9.79
N ILE B 280 16.57 -20.07 9.97
CA ILE B 280 18.03 -19.99 10.05
C ILE B 280 18.60 -21.00 9.07
N TRP B 281 19.51 -20.54 8.21
CA TRP B 281 20.15 -21.40 7.21
C TRP B 281 21.64 -21.47 7.47
N ASN B 282 22.24 -22.59 7.07
CA ASN B 282 23.69 -22.68 6.99
C ASN B 282 24.15 -21.87 5.78
N LEU B 283 25.02 -20.88 6.01
CA LEU B 283 25.36 -19.96 4.93
C LEU B 283 26.01 -20.70 3.76
N GLN B 284 26.95 -21.61 4.05
CA GLN B 284 27.66 -22.31 2.99
C GLN B 284 26.79 -23.33 2.29
N THR B 285 26.09 -24.19 3.04
CA THR B 285 25.36 -25.28 2.40
C THR B 285 23.95 -24.89 1.97
N LYS B 286 23.41 -23.78 2.47
CA LYS B 286 22.09 -23.29 2.09
C LYS B 286 20.94 -24.13 2.66
N GLU B 287 21.21 -25.05 3.57
CA GLU B 287 20.14 -25.83 4.17
C GLU B 287 19.61 -25.12 5.42
N ILE B 288 18.30 -25.23 5.62
CA ILE B 288 17.68 -24.73 6.85
C ILE B 288 18.21 -25.52 8.04
N VAL B 289 18.69 -24.82 9.06
CA VAL B 289 19.20 -25.48 10.26
C VAL B 289 18.29 -25.26 11.47
N GLN B 290 17.32 -24.37 11.40
CA GLN B 290 16.36 -24.20 12.50
C GLN B 290 15.24 -23.30 12.03
N LYS B 291 14.06 -23.51 12.63
CA LYS B 291 12.91 -22.62 12.51
C LYS B 291 12.36 -22.34 13.90
N LEU B 292 12.27 -21.07 14.28
CA LEU B 292 11.89 -20.69 15.63
C LEU B 292 10.39 -20.41 15.66
N GLN B 293 9.65 -21.20 16.45
CA GLN B 293 8.20 -21.05 16.54
C GLN B 293 7.83 -20.24 17.78
N GLY B 294 6.81 -19.38 17.63
CA GLY B 294 6.31 -18.62 18.76
C GLY B 294 5.51 -17.39 18.40
N HIS B 295 5.92 -16.70 17.35
CA HIS B 295 5.16 -15.52 16.95
C HIS B 295 3.83 -15.92 16.34
N THR B 296 2.86 -15.00 16.43
CA THR B 296 1.51 -15.21 15.91
C THR B 296 1.20 -14.36 14.68
N ASP B 297 2.19 -13.68 14.13
CA ASP B 297 2.01 -12.87 12.92
C ASP B 297 3.34 -12.86 12.18
N VAL B 298 3.33 -12.23 11.00
CA VAL B 298 4.53 -12.14 10.18
C VAL B 298 5.71 -11.68 11.03
N VAL B 299 6.83 -12.39 10.92
CA VAL B 299 8.08 -11.98 11.55
C VAL B 299 8.78 -11.05 10.56
N ILE B 300 8.61 -9.74 10.75
CA ILE B 300 9.13 -8.80 9.77
C ILE B 300 10.56 -8.36 10.08
N SER B 301 11.06 -8.56 11.30
CA SER B 301 12.39 -8.08 11.64
C SER B 301 13.08 -9.10 12.53
N THR B 302 14.38 -9.27 12.31
CA THR B 302 15.25 -10.05 13.18
C THR B 302 16.57 -9.32 13.32
N ALA B 303 17.28 -9.63 14.41
CA ALA B 303 18.57 -9.01 14.67
C ALA B 303 19.47 -10.01 15.38
N CYS B 304 20.76 -9.96 15.06
CA CYS B 304 21.75 -10.84 15.68
C CYS B 304 22.66 -10.03 16.60
N HIS B 305 22.71 -10.44 17.85
CA HIS B 305 23.53 -9.76 18.83
C HIS B 305 25.00 -9.71 18.37
N PRO B 306 25.72 -8.64 18.66
CA PRO B 306 27.07 -8.48 18.10
C PRO B 306 28.13 -9.37 18.74
N THR B 307 27.94 -9.88 19.96
CA THR B 307 28.99 -10.73 20.55
C THR B 307 28.51 -12.10 21.02
N GLU B 308 27.23 -12.24 21.36
CA GLU B 308 26.69 -13.53 21.79
C GLU B 308 25.70 -14.09 20.77
N ASN B 309 25.47 -15.41 20.85
CA ASN B 309 24.49 -16.09 19.99
C ASN B 309 23.09 -15.79 20.53
N ILE B 310 22.63 -14.56 20.27
CA ILE B 310 21.32 -14.08 20.68
C ILE B 310 20.64 -13.47 19.48
N ILE B 311 19.36 -13.81 19.30
CA ILE B 311 18.55 -13.30 18.20
C ILE B 311 17.35 -12.57 18.76
N ALA B 312 17.03 -11.41 18.19
CA ALA B 312 15.78 -10.73 18.47
C ALA B 312 14.88 -10.82 17.25
N SER B 313 13.61 -11.13 17.48
CA SER B 313 12.63 -11.16 16.39
C SER B 313 11.43 -10.28 16.77
N ALA B 314 10.76 -9.75 15.76
CA ALA B 314 9.63 -8.86 16.00
C ALA B 314 8.55 -9.10 14.94
N ALA B 315 7.28 -9.00 15.36
CA ALA B 315 6.15 -9.39 14.52
C ALA B 315 5.13 -8.26 14.38
N LEU B 316 4.19 -8.44 13.45
CA LEU B 316 3.30 -7.37 13.00
C LEU B 316 2.05 -7.28 13.88
N GLU B 317 0.98 -6.68 13.35
CA GLU B 317 -0.09 -6.10 14.17
C GLU B 317 -0.82 -7.13 15.03
N ASN B 318 -0.93 -8.37 14.58
CA ASN B 318 -1.67 -9.40 15.31
C ASN B 318 -0.80 -10.11 16.33
N ASP B 319 0.42 -9.64 16.53
CA ASP B 319 1.33 -10.24 17.48
C ASP B 319 1.83 -9.16 18.44
N LYS B 320 2.55 -8.17 17.93
CA LYS B 320 2.97 -6.97 18.68
C LYS B 320 4.14 -7.22 19.65
N THR B 321 4.72 -8.41 19.68
CA THR B 321 5.76 -8.71 20.65
C THR B 321 7.11 -8.93 19.99
N ILE B 322 8.14 -8.78 20.82
CA ILE B 322 9.53 -9.02 20.45
C ILE B 322 9.99 -10.24 21.21
N LYS B 323 10.68 -11.15 20.54
CA LYS B 323 11.20 -12.34 21.20
C LYS B 323 12.71 -12.38 21.15
N LEU B 324 13.30 -12.86 22.25
CA LEU B 324 14.73 -12.97 22.43
C LEU B 324 15.06 -14.45 22.57
N TRP B 325 15.94 -14.94 21.70
CA TRP B 325 16.34 -16.34 21.65
C TRP B 325 17.84 -16.44 21.85
N LYS B 326 18.26 -17.53 22.50
CA LYS B 326 19.67 -17.74 22.82
C LYS B 326 20.08 -19.15 22.39
N SER B 327 21.27 -19.27 21.82
CA SER B 327 21.76 -20.55 21.33
C SER B 327 23.16 -20.81 21.87
N ASP B 328 23.51 -22.09 22.01
CA ASP B 328 24.82 -22.48 22.50
C ASP B 328 25.91 -22.40 21.43
N CYS B 329 25.55 -22.26 20.15
CA CYS B 329 26.52 -22.11 19.06
C CYS B 329 25.94 -21.29 17.90
C10 A1BAF C . -12.74 1.82 -3.12
C11 A1BAF C . -14.01 1.55 -3.82
C12 A1BAF C . -14.95 2.47 -4.30
C13 A1BAF C . -16.02 1.76 -4.89
C14 A1BAF C . -15.75 0.39 -4.78
C15 A1BAF C . -14.80 3.99 -4.14
C16 A1BAF C . -14.63 4.82 -5.15
C17 A1BAF C . -14.50 6.33 -4.86
C18 A1BAF C . -14.57 6.75 -3.61
C19 A1BAF C . -14.77 5.79 -2.45
C20 A1BAF C . -14.87 4.50 -2.70
C21 A1BAF C . -17.26 2.42 -5.51
C22 A1BAF C . -19.45 2.26 -6.66
C23 A1BAF C . -19.94 1.60 -7.93
C24 A1BAF C . -20.59 2.10 -5.69
C25 A1BAF C . -21.71 2.83 -5.81
C26 A1BAF C . -22.86 2.59 -4.83
C01 A1BAF C . 11.99 -1.40 5.41
C02 A1BAF C . 12.78 -1.38 6.75
C03 A1BAF C . 14.29 -1.40 6.43
C04 A1BAF C . 13.11 -2.52 8.86
C05 A1BAF C . 10.92 -2.47 7.84
C06 A1BAF C . 10.43 -3.68 8.67
C07 A1BAF C . 10.14 -2.47 6.50
C08 A1BAF C . -10.50 1.45 -1.91
C09 A1BAF C . -11.75 1.04 -2.63
C27 A1BAF C . -22.73 1.67 -3.88
C28 A1BAF C . -21.43 0.85 -3.77
C29 A1BAF C . -20.45 1.05 -4.62
C30 A1BAF C . -18.83 1.83 -8.97
C31 A1BAF C . 9.27 -1.36 2.17
C32 A1BAF C . 10.11 -1.51 3.20
C33 A1BAF C . 9.71 -1.16 4.57
C34 A1BAF C . 8.40 -0.69 4.82
C35 A1BAF C . 7.44 -0.51 3.62
C36 A1BAF C . 7.88 -0.81 2.40
C37 A1BAF C . 6.90 -0.72 1.19
C38 A1BAF C . 6.67 -0.97 6.66
C39 A1BAF C . 6.10 -0.26 7.88
C40 A1BAF C . 5.91 1.17 7.69
C41 A1BAF C . 4.96 1.38 9.91
C42 A1BAF C . 5.12 -0.05 10.13
C43 A1BAF C . 5.66 -0.87 9.14
C44 A1BAF C . 5.68 -1.17 1.44
C45 A1BAF C . 4.66 -1.17 0.32
C46 A1BAF C . 4.97 -0.75 -0.87
C47 A1BAF C . 6.39 -0.26 -1.14
C48 A1BAF C . 7.29 -0.26 -0.18
C49 A1BAF C . 3.25 -1.68 0.67
C50 A1BAF C . 1.89 -3.24 2.02
C51 A1BAF C . 1.97 -3.92 3.40
C52 A1BAF C . 2.83 -2.23 4.92
C53 A1BAF C . 2.64 -1.98 6.42
C54 A1BAF C . 2.63 0.32 6.94
C55 A1BAF C . 1.77 1.52 7.38
C56 A1BAF C . 1.66 3.22 5.64
C57 A1BAF C . 2.89 2.84 4.82
C58 A1BAF C . 3.61 1.28 3.14
C59 A1BAF C . 3.66 2.18 1.90
C60 A1BAF C . 1.52 1.64 0.97
C61 A1BAF C . 0.11 2.21 0.92
C62 A1BAF C . -1.04 4.16 0.35
C63 A1BAF C . -1.78 3.84 -0.97
C64 A1BAF C . -3.19 5.77 -1.21
C65 A1BAF C . -3.72 6.56 0.00
C66 A1BAF C . -5.78 5.48 0.50
C67 A1BAF C . -7.26 5.50 0.10
C68 A1BAF C . -8.63 4.76 -1.72
C69 A1BAF C . -8.96 3.32 -1.29
C70 A1BAF C . 5.82 -2.39 9.32
F01 A1BAF C . -14.57 4.39 -6.43
F02 A1BAF C . -23.75 1.46 -3.01
F03 A1BAF C . 8.55 0.17 -0.38
F04 A1BAF C . 5.65 -2.72 10.62
F05 A1BAF C . 4.87 -3.01 8.55
F06 A1BAF C . 7.07 -2.77 8.92
N01 A1BAF C . 10.56 -1.34 5.66
N02 A1BAF C . 12.38 -2.53 7.59
N03 A1BAF C . -14.50 0.24 -4.11
N04 A1BAF C . -18.29 1.59 -6.13
N05 A1BAF C . -18.10 0.68 -9.43
N06 A1BAF C . 7.78 -0.25 6.09
N07 A1BAF C . 5.36 1.97 8.73
N08 A1BAF C . 3.17 -2.73 1.57
N09 A1BAF C . -10.13 2.79 -2.01
O01 A1BAF C . -9.84 0.62 -1.25
O02 A1BAF C . -17.40 3.60 -5.44
O03 A1BAF C . -18.60 2.94 -9.33
O04 A1BAF C . 6.23 -1.95 6.19
O05 A1BAF C . 4.42 2.21 10.88
O06 A1BAF C . 2.27 -1.18 0.20
O07 A1BAF C . 1.73 -3.01 4.46
O08 A1BAF C . 1.85 -0.83 6.70
O09 A1BAF C . 1.05 2.11 6.32
O10 A1BAF C . 2.59 1.70 4.04
O11 A1BAF C . 2.35 2.61 1.58
O12 A1BAF C . 0.20 3.50 0.33
O13 A1BAF C . -3.09 4.37 -0.93
O14 A1BAF C . -5.14 6.63 -0.02
O15 A1BAF C . -7.34 5.12 -1.28
CL01 A1BAF C . -14.42 8.48 -3.25
CL02 A1BAF C . -21.26 -0.39 -2.51
H17 A1BAF C . -12.31 2.74 -3.51
H18 A1BAF C . -16.38 -0.42 -5.15
H20 A1BAF C . -14.36 7.04 -5.67
H21 A1BAF C . -14.82 6.16 -1.42
H22 A1BAF C . -15.02 3.79 -1.87
H24 A1BAF C . -19.25 3.32 -6.84
H26 A1BAF C . -20.87 2.06 -8.26
H25 A1BAF C . -20.08 0.53 -7.76
H27 A1BAF C . -21.81 3.58 -6.59
H28 A1BAF C . -23.78 3.17 -4.91
H02 A1BAF C . 12.29 -0.54 4.81
H01 A1BAF C . 12.23 -2.31 4.88
H03 A1BAF C . 12.55 -0.46 7.28
H05 A1BAF C . 14.60 -2.42 6.20
H04 A1BAF C . 14.84 -1.03 7.28
H06 A1BAF C . 14.48 -0.77 5.56
H09 A1BAF C . 14.17 -2.72 8.67
H07 A1BAF C . 12.71 -3.29 9.52
H08 A1BAF C . 13.00 -1.54 9.34
H10 A1BAF C . 10.70 -1.55 8.37
H12 A1BAF C . 11.15 -4.49 8.60
H13 A1BAF C . 9.46 -4.01 8.30
H11 A1BAF C . 10.32 -3.37 9.72
H15 A1BAF C . 10.34 -3.40 5.97
H14 A1BAF C . 9.08 -2.38 6.71
H16 A1BAF C . -11.50 0.25 -3.34
H29 A1BAF C . -19.54 0.45 -4.54
H32 A1BAF C . 9.60 -1.61 1.16
H33 A1BAF C . 11.11 -1.90 3.03
H34 A1BAF C . 6.38 -0.36 3.79
H36 A1BAF C . 6.22 1.63 6.77
H38 A1BAF C . 4.79 -0.50 11.07
H39 A1BAF C . 5.42 -1.53 2.42
H40 A1BAF C . 4.23 -0.74 -1.68
H41 A1BAF C . 6.66 0.08 -2.14
H44 A1BAF C . 1.53 -3.98 1.29
H43 A1BAF C . 1.17 -2.43 2.07
H46 A1BAF C . 2.97 -4.34 3.52
H45 A1BAF C . 1.24 -4.72 3.44
H47 A1BAF C . 3.76 -2.77 4.75
H48 A1BAF C . 2.85 -1.29 4.39
H49 A1BAF C . 3.60 -1.86 6.88
H50 A1BAF C . 2.15 -2.86 6.86
H52 A1BAF C . 3.34 0.10 7.72
H51 A1BAF C . 3.16 0.58 6.03
H53 A1BAF C . 2.42 2.28 7.82
H54 A1BAF C . 1.06 1.19 8.14
H56 A1BAF C . 0.92 3.68 4.99
H55 A1BAF C . 1.94 3.96 6.40
H58 A1BAF C . 3.73 2.62 5.48
H57 A1BAF C . 3.17 3.68 4.17
H59 A1BAF C . 4.58 1.34 3.66
H60 A1BAF C . 3.43 0.27 2.84
H61 A1BAF C . 4.08 1.62 1.06
H62 A1BAF C . 4.29 3.05 2.10
H64 A1BAF C . 1.87 1.44 -0.05
H63 A1BAF C . 1.53 0.72 1.55
H65 A1BAF C . -0.28 2.29 1.94
H66 A1BAF C . -0.53 1.57 0.32
H68 A1BAF C . -1.64 3.80 1.19
H67 A1BAF C . -0.89 5.23 0.44
H70 A1BAF C . -1.82 2.76 -1.11
H69 A1BAF C . -1.24 4.29 -1.80
H72 A1BAF C . -2.19 6.14 -1.46
H71 A1BAF C . -3.85 5.93 -2.05
H74 A1BAF C . -3.30 7.56 -0.01
H73 A1BAF C . -3.41 6.05 0.92
H76 A1BAF C . -5.31 4.59 0.12
H75 A1BAF C . -5.70 5.49 1.59
H78 A1BAF C . -7.66 6.50 0.22
H77 A1BAF C . -7.82 4.79 0.71
H79 A1BAF C . -9.36 5.45 -1.30
H80 A1BAF C . -8.67 4.83 -2.82
H82 A1BAF C . -8.11 2.69 -1.49
H81 A1BAF C . -9.17 3.32 -0.22
H19 A1BAF C . -14.05 -0.62 -3.89
H23 A1BAF C . -18.07 0.67 -6.43
H30 A1BAF C . -18.45 -0.24 -9.26
H31 A1BAF C . -17.23 0.81 -9.92
H35 A1BAF C . 8.14 0.56 6.55
H37 A1BAF C . 5.23 2.96 8.60
H42 A1BAF C . 4.02 -3.13 1.93
H83 A1BAF C . -10.68 3.41 -2.59
#